data_2KEK
#
_entry.id   2KEK
#
_cell.length_a   1.000
_cell.length_b   1.000
_cell.length_c   1.000
_cell.angle_alpha   90.00
_cell.angle_beta   90.00
_cell.angle_gamma   90.00
#
_symmetry.space_group_name_H-M   'P 1'
#
loop_
_entity.id
_entity.type
_entity.pdbx_description
1 polymer 'Lactose operon repressor'
2 polymer "DNA (5'-D(*CP*GP*GP*CP*AP*GP*TP*GP*AP*GP*CP*GP*CP*AP*AP*CP*GP*CP*AP*AP*TP*TP*C)-3')"
3 polymer "DNA (5'-D(P*GP*AP*AP*TP*TP*GP*CP*GP*TP*TP*GP*CP*GP*CP*TP*CP*AP*CP*TP*GP*CP*CP*G)-3')"
#
loop_
_entity_poly.entity_id
_entity_poly.type
_entity_poly.pdbx_seq_one_letter_code
_entity_poly.pdbx_strand_id
1 'polypeptide(L)' MKPVTLYDVAEYAGVSYQTVSRVVNQASHVSAKTREKVEAAMAELNYIPNRCAQQLAGKQSL A,B
2 'polydeoxyribonucleotide'
;(DC)(DG)(DG)(DC)(DA)(DG)(DT)(DG)(DA)(DG)(DC)(DG)(DC)(DA)(DA)(DC)(DG)(DC)(DA)(DA)
(DT)(DT)(DC)
;
C
3 'polydeoxyribonucleotide'
;(DG)(DA)(DA)(DT)(DT)(DG)(DC)(DG)(DT)(DT)(DG)(DC)(DG)(DC)(DT)(DC)(DA)(DC)(DT)(DG)
(DC)(DC)(DG)
;
D
#
# COMPACT_ATOMS: atom_id res chain seq x y z
N MET A 1 -9.31 -7.23 -11.92
CA MET A 1 -8.75 -8.45 -11.26
C MET A 1 -9.57 -8.77 -10.01
N LYS A 2 -9.58 -10.05 -9.62
CA LYS A 2 -10.35 -10.48 -8.45
C LYS A 2 -9.71 -9.96 -7.16
N PRO A 3 -10.43 -9.12 -6.40
CA PRO A 3 -9.91 -8.58 -5.15
C PRO A 3 -10.06 -9.57 -4.00
N VAL A 4 -9.44 -10.74 -4.16
CA VAL A 4 -9.49 -11.77 -3.13
C VAL A 4 -8.32 -11.61 -2.16
N THR A 5 -8.59 -11.00 -1.04
CA THR A 5 -7.58 -10.79 -0.04
C THR A 5 -7.87 -11.65 1.17
N LEU A 6 -7.16 -11.38 2.26
CA LEU A 6 -7.34 -12.09 3.52
C LEU A 6 -8.80 -12.06 4.00
N TYR A 7 -9.64 -11.15 3.46
CA TYR A 7 -11.05 -11.06 3.87
C TYR A 7 -11.90 -12.14 3.20
N ASP A 8 -11.59 -12.43 1.94
CA ASP A 8 -12.36 -13.41 1.17
C ASP A 8 -11.99 -14.84 1.56
N VAL A 9 -10.72 -15.06 1.86
CA VAL A 9 -10.22 -16.38 2.25
C VAL A 9 -10.75 -16.77 3.64
N ALA A 10 -11.16 -15.77 4.41
CA ALA A 10 -11.69 -15.99 5.75
C ALA A 10 -12.95 -16.83 5.70
N GLU A 11 -13.98 -16.33 5.02
CA GLU A 11 -15.24 -17.04 4.91
C GLU A 11 -15.05 -18.39 4.20
N TYR A 12 -14.17 -18.42 3.22
CA TYR A 12 -13.88 -19.66 2.49
C TYR A 12 -13.38 -20.75 3.42
N ALA A 13 -12.69 -20.37 4.50
CA ALA A 13 -12.16 -21.34 5.44
C ALA A 13 -13.03 -21.42 6.69
N GLY A 14 -13.95 -20.47 6.85
CA GLY A 14 -14.83 -20.47 8.01
C GLY A 14 -14.20 -19.82 9.23
N VAL A 15 -13.32 -18.88 8.98
CA VAL A 15 -12.63 -18.17 10.05
C VAL A 15 -12.56 -16.69 9.71
N SER A 16 -11.77 -15.95 10.45
CA SER A 16 -11.60 -14.53 10.20
C SER A 16 -10.38 -14.31 9.31
N TYR A 17 -9.94 -13.06 9.19
CA TYR A 17 -8.78 -12.77 8.37
C TYR A 17 -7.48 -12.83 9.17
N GLN A 18 -7.58 -13.23 10.45
CA GLN A 18 -6.39 -13.32 11.28
C GLN A 18 -5.80 -14.71 11.21
N THR A 19 -6.66 -15.74 11.10
CA THR A 19 -6.20 -17.11 11.01
C THR A 19 -5.48 -17.31 9.70
N VAL A 20 -5.94 -16.59 8.68
CA VAL A 20 -5.34 -16.66 7.33
C VAL A 20 -3.92 -16.07 7.37
N SER A 21 -3.80 -14.85 7.93
CA SER A 21 -2.53 -14.15 8.03
C SER A 21 -1.60 -14.78 9.08
N ARG A 22 -2.19 -15.60 9.95
CA ARG A 22 -1.47 -16.24 11.04
C ARG A 22 -0.22 -16.98 10.54
N VAL A 23 -0.34 -17.61 9.39
CA VAL A 23 0.78 -18.36 8.82
C VAL A 23 1.67 -17.51 7.93
N VAL A 24 1.21 -16.31 7.60
CA VAL A 24 1.96 -15.42 6.74
C VAL A 24 3.03 -14.67 7.52
N ASN A 25 2.78 -14.44 8.80
CA ASN A 25 3.72 -13.67 9.60
C ASN A 25 4.69 -14.56 10.39
N GLN A 26 4.16 -15.49 11.17
CA GLN A 26 5.01 -16.35 11.97
C GLN A 26 4.62 -17.82 11.88
N ALA A 27 3.31 -18.09 11.73
CA ALA A 27 2.79 -19.46 11.63
C ALA A 27 2.90 -20.22 12.96
N SER A 28 2.48 -19.56 14.04
CA SER A 28 2.52 -20.14 15.39
C SER A 28 1.44 -21.23 15.55
N HIS A 29 0.71 -21.21 16.67
CA HIS A 29 -0.35 -22.17 16.91
C HIS A 29 -1.58 -21.80 16.12
N VAL A 30 -1.61 -22.21 14.86
CA VAL A 30 -2.74 -21.93 13.98
C VAL A 30 -3.80 -23.01 14.14
N SER A 31 -4.42 -23.03 15.32
CA SER A 31 -5.46 -24.00 15.65
C SER A 31 -4.93 -25.44 15.75
N ALA A 32 -3.66 -25.63 15.37
CA ALA A 32 -2.96 -26.93 15.42
C ALA A 32 -3.41 -27.88 14.31
N LYS A 33 -4.65 -27.71 13.84
CA LYS A 33 -5.21 -28.57 12.80
C LYS A 33 -5.53 -27.77 11.53
N THR A 34 -5.33 -26.48 11.59
CA THR A 34 -5.59 -25.60 10.46
C THR A 34 -4.34 -24.79 10.13
N ARG A 35 -3.16 -25.32 10.39
CA ARG A 35 -1.94 -24.57 10.11
C ARG A 35 -1.57 -24.70 8.64
N GLU A 36 -1.59 -25.94 8.20
CA GLU A 36 -1.24 -26.27 6.83
C GLU A 36 -2.46 -26.06 5.94
N LYS A 37 -3.62 -26.09 6.56
CA LYS A 37 -4.88 -25.91 5.83
C LYS A 37 -4.95 -24.53 5.20
N VAL A 38 -4.67 -23.47 5.98
CA VAL A 38 -4.72 -22.12 5.46
C VAL A 38 -3.63 -21.90 4.40
N GLU A 39 -2.45 -22.47 4.64
CA GLU A 39 -1.32 -22.37 3.70
C GLU A 39 -1.70 -22.97 2.36
N ALA A 40 -2.37 -24.11 2.43
CA ALA A 40 -2.81 -24.82 1.23
C ALA A 40 -3.87 -24.01 0.51
N ALA A 41 -4.81 -23.48 1.28
CA ALA A 41 -5.90 -22.68 0.74
C ALA A 41 -5.34 -21.47 -0.01
N MET A 42 -4.24 -20.92 0.52
CA MET A 42 -3.59 -19.77 -0.06
C MET A 42 -3.07 -20.10 -1.44
N ALA A 43 -2.36 -21.21 -1.54
CA ALA A 43 -1.81 -21.65 -2.80
C ALA A 43 -2.93 -22.05 -3.76
N GLU A 44 -3.98 -22.67 -3.22
CA GLU A 44 -5.09 -23.14 -4.02
C GLU A 44 -5.86 -21.98 -4.65
N LEU A 45 -6.19 -20.99 -3.85
CA LEU A 45 -6.94 -19.83 -4.34
C LEU A 45 -5.98 -18.84 -4.99
N ASN A 46 -4.69 -19.18 -4.99
CA ASN A 46 -3.65 -18.33 -5.57
C ASN A 46 -3.61 -16.99 -4.85
N TYR A 47 -3.98 -17.03 -3.56
CA TYR A 47 -4.04 -15.85 -2.71
C TYR A 47 -2.66 -15.25 -2.50
N ILE A 48 -2.53 -13.97 -2.78
CA ILE A 48 -1.26 -13.30 -2.63
C ILE A 48 -1.28 -12.32 -1.45
N PRO A 49 -0.58 -12.66 -0.35
CA PRO A 49 -0.47 -11.79 0.84
C PRO A 49 0.32 -10.53 0.60
N ASN A 50 -0.05 -9.82 -0.47
CA ASN A 50 0.58 -8.56 -0.86
C ASN A 50 2.09 -8.67 -1.01
N ARG A 51 2.74 -7.51 -0.96
CA ARG A 51 4.18 -7.42 -1.08
C ARG A 51 4.72 -6.30 -0.19
N CYS A 52 4.01 -5.17 -0.12
CA CYS A 52 4.49 -4.06 0.70
C CYS A 52 3.47 -3.56 1.72
N ALA A 53 2.24 -4.08 1.65
CA ALA A 53 1.19 -3.66 2.59
C ALA A 53 1.53 -4.01 4.05
N GLN A 54 2.05 -5.22 4.27
CA GLN A 54 2.39 -5.72 5.60
C GLN A 54 3.47 -4.87 6.23
N GLN A 55 4.20 -4.14 5.40
CA GLN A 55 5.24 -3.25 5.90
C GLN A 55 4.57 -2.04 6.57
N LEU A 56 3.85 -1.24 5.78
CA LEU A 56 3.09 -0.10 6.34
C LEU A 56 2.01 -0.56 7.33
N ALA A 57 1.79 -1.85 7.50
CA ALA A 57 0.77 -2.32 8.43
C ALA A 57 1.43 -2.75 9.72
N GLY A 58 0.92 -2.25 10.83
CA GLY A 58 1.48 -2.58 12.12
C GLY A 58 2.94 -2.18 12.27
N LYS A 59 3.26 -1.03 11.70
CA LYS A 59 4.61 -0.50 11.71
C LYS A 59 5.20 -0.52 13.11
N GLN A 60 4.53 0.17 14.01
CA GLN A 60 4.96 0.28 15.40
C GLN A 60 6.43 0.72 15.46
N SER A 61 6.85 1.49 14.47
CA SER A 61 8.21 1.97 14.42
C SER A 61 8.28 3.42 14.89
N LEU A 62 7.16 3.91 15.42
CA LEU A 62 7.07 5.26 15.93
C LEU A 62 6.30 5.27 17.24
N MET B 1 18.06 7.05 7.27
CA MET B 1 17.17 6.97 8.43
C MET B 1 15.73 7.20 8.01
N LYS B 2 15.51 8.22 7.20
CA LYS B 2 14.19 8.55 6.73
C LYS B 2 14.18 8.81 5.24
N PRO B 3 13.31 8.11 4.51
CA PRO B 3 13.18 8.27 3.06
C PRO B 3 12.34 9.48 2.71
N VAL B 4 12.02 9.61 1.44
CA VAL B 4 11.21 10.73 0.97
C VAL B 4 9.71 10.46 1.20
N THR B 5 8.93 11.53 1.33
CA THR B 5 7.51 11.43 1.55
C THR B 5 6.82 12.55 0.79
N LEU B 6 5.61 12.29 0.28
CA LEU B 6 4.88 13.28 -0.50
C LEU B 6 4.57 14.50 0.35
N TYR B 7 4.33 14.25 1.64
CA TYR B 7 4.03 15.32 2.60
C TYR B 7 5.17 16.31 2.66
N ASP B 8 6.39 15.83 2.48
CA ASP B 8 7.56 16.71 2.52
C ASP B 8 7.55 17.64 1.30
N VAL B 9 7.28 17.07 0.13
CA VAL B 9 7.23 17.81 -1.13
C VAL B 9 6.10 18.83 -1.09
N ALA B 10 5.00 18.45 -0.44
CA ALA B 10 3.83 19.30 -0.31
C ALA B 10 4.19 20.54 0.50
N GLU B 11 4.83 20.33 1.64
CA GLU B 11 5.21 21.43 2.52
C GLU B 11 6.33 22.29 1.93
N TYR B 12 7.29 21.66 1.27
CA TYR B 12 8.39 22.39 0.65
C TYR B 12 7.84 23.31 -0.42
N ALA B 13 6.88 22.80 -1.19
CA ALA B 13 6.26 23.57 -2.26
C ALA B 13 5.33 24.62 -1.71
N GLY B 14 4.90 24.44 -0.47
CA GLY B 14 4.00 25.37 0.16
C GLY B 14 2.62 25.39 -0.45
N VAL B 15 2.18 24.25 -0.99
CA VAL B 15 0.89 24.17 -1.64
C VAL B 15 -0.06 23.23 -0.89
N SER B 16 -1.22 22.98 -1.47
CA SER B 16 -2.24 22.15 -0.84
C SER B 16 -2.00 20.65 -1.00
N TYR B 17 -0.75 20.22 -1.29
CA TYR B 17 -0.41 18.79 -1.45
C TYR B 17 -0.99 18.21 -2.74
N GLN B 18 -2.31 18.31 -2.91
CA GLN B 18 -2.99 17.79 -4.10
C GLN B 18 -2.31 18.28 -5.39
N THR B 19 -1.97 19.56 -5.41
CA THR B 19 -1.35 20.19 -6.58
C THR B 19 0.03 19.61 -6.93
N VAL B 20 0.73 19.06 -5.96
CA VAL B 20 2.05 18.49 -6.18
C VAL B 20 2.02 17.20 -7.01
N SER B 21 1.45 16.17 -6.43
CA SER B 21 1.38 14.87 -7.07
C SER B 21 0.51 14.86 -8.33
N ARG B 22 -0.41 15.83 -8.46
CA ARG B 22 -1.29 15.90 -9.61
C ARG B 22 -0.51 16.28 -10.86
N VAL B 23 0.60 17.00 -10.68
CA VAL B 23 1.43 17.40 -11.81
C VAL B 23 2.04 16.17 -12.50
N VAL B 24 2.45 15.19 -11.72
CA VAL B 24 3.03 13.98 -12.26
C VAL B 24 1.97 12.89 -12.42
N ASN B 25 0.76 13.22 -12.04
CA ASN B 25 -0.35 12.29 -12.11
C ASN B 25 -1.27 12.58 -13.29
N GLN B 26 -1.91 13.76 -13.27
CA GLN B 26 -2.83 14.14 -14.33
C GLN B 26 -3.20 15.62 -14.26
N ALA B 27 -2.19 16.48 -14.25
CA ALA B 27 -2.43 17.92 -14.18
C ALA B 27 -3.16 18.43 -15.40
N SER B 28 -4.16 19.24 -15.15
CA SER B 28 -4.95 19.83 -16.20
C SER B 28 -4.95 21.34 -16.09
N HIS B 29 -5.85 21.87 -15.27
CA HIS B 29 -5.95 23.32 -15.07
C HIS B 29 -5.17 23.79 -13.86
N VAL B 30 -3.86 23.67 -13.92
CA VAL B 30 -2.99 24.13 -12.86
C VAL B 30 -2.25 25.37 -13.33
N SER B 31 -2.29 26.43 -12.53
CA SER B 31 -1.61 27.66 -12.90
C SER B 31 -0.11 27.45 -12.95
N ALA B 32 0.52 28.16 -13.87
CA ALA B 32 1.96 28.10 -14.05
C ALA B 32 2.67 28.45 -12.76
N LYS B 33 2.08 29.36 -12.01
CA LYS B 33 2.65 29.80 -10.74
C LYS B 33 2.65 28.66 -9.72
N THR B 34 1.58 27.88 -9.73
CA THR B 34 1.44 26.75 -8.81
C THR B 34 2.35 25.59 -9.17
N ARG B 35 2.41 25.25 -10.47
CA ARG B 35 3.27 24.15 -10.90
C ARG B 35 4.75 24.49 -10.78
N GLU B 36 5.05 25.77 -10.90
CA GLU B 36 6.42 26.25 -10.82
C GLU B 36 7.06 25.82 -9.50
N LYS B 37 6.36 26.08 -8.41
CA LYS B 37 6.83 25.74 -7.08
C LYS B 37 6.87 24.24 -6.85
N VAL B 38 5.80 23.54 -7.18
CA VAL B 38 5.72 22.09 -6.95
C VAL B 38 6.79 21.32 -7.73
N GLU B 39 7.15 21.82 -8.92
CA GLU B 39 8.18 21.18 -9.71
C GLU B 39 9.50 21.28 -8.97
N ALA B 40 9.75 22.48 -8.42
CA ALA B 40 10.97 22.74 -7.66
C ALA B 40 11.07 21.80 -6.47
N ALA B 41 9.94 21.54 -5.82
CA ALA B 41 9.91 20.67 -4.66
C ALA B 41 10.09 19.20 -5.03
N MET B 42 9.47 18.78 -6.11
CA MET B 42 9.58 17.39 -6.55
C MET B 42 10.99 17.06 -6.96
N ALA B 43 11.63 17.99 -7.66
CA ALA B 43 13.00 17.81 -8.11
C ALA B 43 14.00 17.97 -6.97
N GLU B 44 13.64 18.80 -5.99
CA GLU B 44 14.50 19.05 -4.84
C GLU B 44 14.61 17.84 -3.93
N LEU B 45 13.48 17.23 -3.60
CA LEU B 45 13.49 16.08 -2.70
C LEU B 45 13.60 14.76 -3.44
N ASN B 46 13.48 14.82 -4.77
CA ASN B 46 13.54 13.62 -5.62
C ASN B 46 12.33 12.73 -5.32
N TYR B 47 11.22 13.01 -5.99
CA TYR B 47 9.98 12.28 -5.77
C TYR B 47 9.88 11.08 -6.71
N ILE B 48 9.97 9.88 -6.14
CA ILE B 48 9.89 8.64 -6.90
C ILE B 48 8.63 7.88 -6.50
N PRO B 49 7.70 7.60 -7.43
CA PRO B 49 6.48 6.86 -7.09
C PRO B 49 6.80 5.46 -6.60
N ASN B 50 6.70 5.28 -5.29
CA ASN B 50 7.01 4.00 -4.68
C ASN B 50 5.85 3.01 -4.82
N ARG B 51 6.16 1.72 -4.95
CA ARG B 51 5.12 0.71 -5.07
C ARG B 51 4.85 0.06 -3.73
N CYS B 52 3.94 0.66 -2.99
CA CYS B 52 3.56 0.21 -1.66
C CYS B 52 2.17 0.77 -1.31
N ALA B 53 2.11 2.09 -1.10
CA ALA B 53 0.86 2.74 -0.78
C ALA B 53 0.08 3.01 -2.06
N GLN B 54 0.57 2.48 -3.18
CA GLN B 54 -0.12 2.68 -4.45
C GLN B 54 -1.17 1.59 -4.65
N GLN B 55 -0.74 0.34 -4.48
CA GLN B 55 -1.63 -0.80 -4.65
C GLN B 55 -2.69 -0.78 -3.56
N LEU B 56 -2.24 -0.49 -2.36
CA LEU B 56 -3.10 -0.43 -1.20
C LEU B 56 -4.13 0.69 -1.28
N ALA B 57 -3.74 1.83 -1.82
CA ALA B 57 -4.65 2.99 -1.90
C ALA B 57 -5.89 2.67 -2.76
N GLY B 58 -5.78 1.64 -3.59
CA GLY B 58 -6.89 1.25 -4.45
C GLY B 58 -6.60 1.54 -5.91
N LYS B 59 -5.52 0.98 -6.40
CA LYS B 59 -5.13 1.16 -7.79
C LYS B 59 -5.88 0.13 -8.66
N GLN B 60 -5.54 0.08 -9.94
CA GLN B 60 -6.18 -0.86 -10.86
C GLN B 60 -5.62 -2.27 -10.65
N SER B 61 -4.70 -2.38 -9.71
CA SER B 61 -4.08 -3.65 -9.37
C SER B 61 -3.69 -3.63 -7.91
N LEU B 62 -3.93 -4.74 -7.22
CA LEU B 62 -3.60 -4.86 -5.82
C LEU B 62 -2.14 -5.25 -5.66
N MET A 1 -8.07 -17.07 -12.00
CA MET A 1 -8.86 -16.74 -10.80
C MET A 1 -8.40 -15.42 -10.24
N LYS A 2 -9.35 -14.59 -9.84
CA LYS A 2 -9.05 -13.29 -9.26
C LYS A 2 -8.12 -13.44 -8.06
N PRO A 3 -7.04 -12.65 -8.03
CA PRO A 3 -6.09 -12.66 -6.92
C PRO A 3 -6.75 -12.21 -5.63
N VAL A 4 -7.31 -13.18 -4.91
CA VAL A 4 -7.99 -12.91 -3.68
C VAL A 4 -7.01 -12.79 -2.54
N THR A 5 -7.40 -11.99 -1.54
CA THR A 5 -6.58 -11.79 -0.37
C THR A 5 -7.18 -12.47 0.87
N LEU A 6 -6.60 -12.17 2.03
CA LEU A 6 -7.04 -12.74 3.30
C LEU A 6 -8.54 -12.53 3.55
N TYR A 7 -9.17 -11.56 2.88
CA TYR A 7 -10.58 -11.30 3.08
C TYR A 7 -11.45 -12.33 2.38
N ASP A 8 -10.99 -12.84 1.24
CA ASP A 8 -11.77 -13.80 0.47
C ASP A 8 -11.55 -15.23 0.95
N VAL A 9 -10.27 -15.63 1.02
CA VAL A 9 -9.89 -16.97 1.47
C VAL A 9 -10.47 -17.29 2.86
N ALA A 10 -10.54 -16.27 3.72
CA ALA A 10 -11.05 -16.44 5.07
C ALA A 10 -12.50 -16.94 5.08
N GLU A 11 -13.34 -16.34 4.27
CA GLU A 11 -14.75 -16.73 4.22
C GLU A 11 -14.89 -18.12 3.61
N TYR A 12 -14.02 -18.43 2.67
CA TYR A 12 -14.04 -19.72 2.00
C TYR A 12 -13.72 -20.85 2.98
N ALA A 13 -12.86 -20.54 3.95
CA ALA A 13 -12.46 -21.51 4.97
C ALA A 13 -13.41 -21.43 6.17
N GLY A 14 -14.04 -20.28 6.36
CA GLY A 14 -14.95 -20.13 7.48
C GLY A 14 -14.31 -19.56 8.72
N VAL A 15 -13.24 -18.79 8.54
CA VAL A 15 -12.53 -18.17 9.65
C VAL A 15 -12.37 -16.68 9.41
N SER A 16 -11.59 -16.01 10.26
CA SER A 16 -11.36 -14.59 10.13
C SER A 16 -10.21 -14.33 9.17
N TYR A 17 -10.00 -13.07 8.80
CA TYR A 17 -8.93 -12.74 7.88
C TYR A 17 -7.58 -12.80 8.58
N GLN A 18 -7.60 -12.88 9.90
CA GLN A 18 -6.35 -12.95 10.65
C GLN A 18 -5.85 -14.39 10.66
N THR A 19 -6.76 -15.35 10.71
CA THR A 19 -6.40 -16.77 10.73
C THR A 19 -5.62 -17.17 9.48
N VAL A 20 -6.13 -16.80 8.31
CA VAL A 20 -5.47 -17.14 7.06
C VAL A 20 -4.12 -16.43 6.89
N SER A 21 -4.02 -15.19 7.36
CA SER A 21 -2.76 -14.44 7.22
C SER A 21 -1.78 -14.82 8.33
N ARG A 22 -2.29 -15.48 9.36
CA ARG A 22 -1.45 -15.88 10.49
C ARG A 22 -0.53 -17.03 10.15
N VAL A 23 -0.93 -17.88 9.20
CA VAL A 23 -0.10 -19.00 8.82
C VAL A 23 1.21 -18.51 8.18
N VAL A 24 1.08 -17.51 7.33
CA VAL A 24 2.23 -16.94 6.64
C VAL A 24 3.00 -15.99 7.53
N ASN A 25 2.35 -15.57 8.61
CA ASN A 25 2.93 -14.62 9.55
C ASN A 25 3.80 -15.36 10.59
N GLN A 26 3.22 -16.39 11.23
CA GLN A 26 3.97 -17.14 12.25
C GLN A 26 3.34 -18.51 12.47
N ALA A 27 2.01 -18.57 12.33
CA ALA A 27 1.22 -19.79 12.50
C ALA A 27 1.25 -20.28 13.95
N SER A 28 1.25 -19.33 14.87
CA SER A 28 1.28 -19.65 16.28
C SER A 28 -0.05 -20.21 16.77
N HIS A 29 -1.15 -19.60 16.33
CA HIS A 29 -2.47 -20.04 16.75
C HIS A 29 -3.47 -19.96 15.61
N VAL A 30 -3.40 -20.91 14.68
CA VAL A 30 -4.33 -20.95 13.57
C VAL A 30 -5.40 -22.03 13.82
N SER A 31 -5.80 -22.20 15.09
CA SER A 31 -6.81 -23.22 15.49
C SER A 31 -6.35 -24.67 15.25
N ALA A 32 -5.40 -24.88 14.34
CA ALA A 32 -4.85 -26.20 14.01
C ALA A 32 -5.88 -27.01 13.21
N LYS A 33 -7.14 -26.60 13.29
CA LYS A 33 -8.24 -27.24 12.61
C LYS A 33 -8.42 -26.76 11.18
N THR A 34 -8.17 -25.47 10.96
CA THR A 34 -8.30 -24.86 9.65
C THR A 34 -6.94 -24.49 9.07
N ARG A 35 -5.89 -24.85 9.79
CA ARG A 35 -4.52 -24.58 9.35
C ARG A 35 -4.23 -25.10 7.94
N GLU A 36 -4.67 -26.31 7.64
CA GLU A 36 -4.41 -26.88 6.30
C GLU A 36 -5.42 -26.38 5.28
N LYS A 37 -6.59 -26.00 5.76
CA LYS A 37 -7.66 -25.49 4.91
C LYS A 37 -7.25 -24.18 4.23
N VAL A 38 -6.70 -23.22 5.00
CA VAL A 38 -6.30 -21.94 4.41
C VAL A 38 -5.06 -22.10 3.55
N GLU A 39 -4.26 -23.11 3.84
CA GLU A 39 -3.05 -23.37 3.07
C GLU A 39 -3.39 -23.98 1.73
N ALA A 40 -4.38 -24.86 1.71
CA ALA A 40 -4.80 -25.51 0.48
C ALA A 40 -5.39 -24.48 -0.49
N ALA A 41 -6.13 -23.52 0.04
CA ALA A 41 -6.76 -22.51 -0.77
C ALA A 41 -5.87 -21.31 -1.00
N MET A 42 -4.57 -21.47 -0.80
CA MET A 42 -3.63 -20.38 -1.00
C MET A 42 -3.21 -20.31 -2.46
N ALA A 43 -2.61 -21.38 -2.93
CA ALA A 43 -2.17 -21.46 -4.30
C ALA A 43 -3.33 -21.84 -5.22
N GLU A 44 -4.39 -22.38 -4.62
CA GLU A 44 -5.58 -22.80 -5.37
C GLU A 44 -6.41 -21.59 -5.80
N LEU A 45 -6.61 -20.66 -4.88
CA LEU A 45 -7.39 -19.46 -5.18
C LEU A 45 -6.50 -18.34 -5.68
N ASN A 46 -5.20 -18.64 -5.76
CA ASN A 46 -4.19 -17.66 -6.21
C ASN A 46 -4.11 -16.50 -5.18
N TYR A 47 -3.35 -16.72 -4.11
CA TYR A 47 -3.22 -15.74 -3.04
C TYR A 47 -1.77 -15.37 -2.84
N ILE A 48 -1.47 -14.08 -2.97
CA ILE A 48 -0.14 -13.55 -2.76
C ILE A 48 -0.16 -12.53 -1.62
N PRO A 49 0.45 -12.86 -0.47
CA PRO A 49 0.50 -11.97 0.73
C PRO A 49 1.27 -10.66 0.52
N ASN A 50 1.47 -10.29 -0.74
CA ASN A 50 2.19 -9.09 -1.11
C ASN A 50 3.59 -9.07 -0.61
N ARG A 51 4.37 -8.16 -1.16
CA ARG A 51 5.75 -7.99 -0.74
C ARG A 51 5.92 -6.61 -0.13
N CYS A 52 4.93 -5.79 -0.41
CA CYS A 52 4.88 -4.43 0.07
C CYS A 52 3.47 -4.11 0.56
N ALA A 53 3.35 -3.95 1.88
CA ALA A 53 2.05 -3.73 2.57
C ALA A 53 2.22 -3.72 4.06
N GLN A 54 2.99 -4.68 4.57
CA GLN A 54 3.23 -4.82 6.01
C GLN A 54 4.05 -3.63 6.55
N GLN A 55 4.92 -3.03 5.71
CA GLN A 55 5.75 -1.89 6.16
C GLN A 55 4.94 -0.61 6.29
N LEU A 56 3.63 -0.74 6.27
CA LEU A 56 2.72 0.40 6.38
C LEU A 56 2.01 0.39 7.74
N ALA A 57 2.03 -0.76 8.42
CA ALA A 57 1.35 -0.89 9.73
C ALA A 57 2.33 -1.28 10.84
N GLY A 58 3.53 -1.65 10.43
CA GLY A 58 4.55 -2.07 11.37
C GLY A 58 5.89 -1.51 10.98
N LYS A 59 6.11 -0.25 11.32
CA LYS A 59 7.33 0.44 10.99
C LYS A 59 8.32 0.33 12.13
N GLN A 60 9.56 0.07 11.76
CA GLN A 60 10.65 -0.06 12.73
C GLN A 60 11.42 1.24 12.88
N SER A 61 10.75 2.27 13.40
CA SER A 61 11.37 3.57 13.63
C SER A 61 12.31 3.54 14.82
N LEU A 62 13.60 3.37 14.56
CA LEU A 62 14.61 3.33 15.60
C LEU A 62 15.61 4.47 15.43
N MET B 1 12.52 5.25 10.82
CA MET B 1 12.82 6.34 9.87
C MET B 1 11.52 6.90 9.30
N LYS B 2 11.43 8.23 9.25
CA LYS B 2 10.24 8.88 8.72
C LYS B 2 10.49 9.34 7.27
N PRO B 3 9.82 8.68 6.31
CA PRO B 3 9.97 8.98 4.88
C PRO B 3 9.26 10.27 4.48
N VAL B 4 9.34 10.61 3.19
CA VAL B 4 8.70 11.80 2.66
C VAL B 4 7.21 11.54 2.47
N THR B 5 6.44 12.59 2.29
CA THR B 5 5.00 12.48 2.09
C THR B 5 4.54 13.56 1.13
N LEU B 6 3.38 13.38 0.52
CA LEU B 6 2.85 14.38 -0.42
C LEU B 6 2.50 15.68 0.29
N TYR B 7 2.28 15.59 1.59
CA TYR B 7 1.95 16.73 2.41
C TYR B 7 3.19 17.61 2.59
N ASP B 8 4.39 17.00 2.60
CA ASP B 8 5.62 17.77 2.75
C ASP B 8 5.94 18.52 1.47
N VAL B 9 5.47 17.98 0.37
CA VAL B 9 5.69 18.57 -0.94
C VAL B 9 4.89 19.86 -1.09
N ALA B 10 3.65 19.85 -0.61
CA ALA B 10 2.79 21.05 -0.68
C ALA B 10 3.33 22.12 0.26
N GLU B 11 4.01 21.65 1.29
CA GLU B 11 4.57 22.53 2.29
C GLU B 11 5.77 23.27 1.73
N TYR B 12 6.62 22.55 1.03
CA TYR B 12 7.81 23.14 0.45
C TYR B 12 7.43 24.10 -0.67
N ALA B 13 6.48 23.68 -1.51
CA ALA B 13 6.08 24.52 -2.64
C ALA B 13 5.21 25.71 -2.26
N GLY B 14 4.57 25.66 -1.10
CA GLY B 14 3.70 26.73 -0.68
C GLY B 14 2.42 26.71 -1.50
N VAL B 15 1.93 25.50 -1.75
CA VAL B 15 0.69 25.31 -2.50
C VAL B 15 -0.27 24.39 -1.75
N SER B 16 -1.37 24.05 -2.39
CA SER B 16 -2.38 23.17 -1.82
C SER B 16 -2.11 21.72 -2.23
N TYR B 17 -2.72 20.79 -1.51
CA TYR B 17 -2.58 19.37 -1.79
C TYR B 17 -3.08 19.04 -3.20
N GLN B 18 -3.92 19.91 -3.74
CA GLN B 18 -4.49 19.71 -5.06
C GLN B 18 -3.49 20.14 -6.13
N THR B 19 -2.69 21.11 -5.78
CA THR B 19 -1.72 21.66 -6.73
C THR B 19 -0.61 20.66 -7.00
N VAL B 20 -0.21 19.93 -5.97
CA VAL B 20 0.86 18.95 -6.10
C VAL B 20 0.38 17.70 -6.79
N SER B 21 -0.90 17.39 -6.66
CA SER B 21 -1.45 16.17 -7.28
C SER B 21 -1.83 16.43 -8.73
N ARG B 22 -2.55 17.53 -8.93
CA ARG B 22 -3.01 17.94 -10.23
C ARG B 22 -1.89 18.08 -11.26
N VAL B 23 -0.76 18.61 -10.81
CA VAL B 23 0.38 18.86 -11.70
C VAL B 23 1.05 17.56 -12.17
N VAL B 24 0.83 16.47 -11.42
CA VAL B 24 1.42 15.17 -11.76
C VAL B 24 0.81 14.63 -13.06
N ASN B 25 -0.43 14.17 -12.97
CA ASN B 25 -1.10 13.62 -14.14
C ASN B 25 -2.61 13.72 -13.99
N GLN B 26 -3.13 14.93 -14.00
CA GLN B 26 -4.56 15.14 -13.87
C GLN B 26 -5.05 16.23 -14.79
N ALA B 27 -4.62 17.46 -14.51
CA ALA B 27 -5.05 18.60 -15.31
C ALA B 27 -3.87 19.47 -15.74
N SER B 28 -4.12 20.29 -16.75
CA SER B 28 -3.09 21.17 -17.28
C SER B 28 -3.47 22.64 -17.06
N HIS B 29 -4.68 22.88 -16.58
CA HIS B 29 -5.16 24.24 -16.31
C HIS B 29 -4.63 24.74 -14.97
N VAL B 30 -3.38 24.46 -14.69
CA VAL B 30 -2.75 24.86 -13.43
C VAL B 30 -1.77 25.99 -13.66
N SER B 31 -1.80 26.98 -12.78
CA SER B 31 -0.91 28.15 -12.87
C SER B 31 0.56 27.75 -13.01
N ALA B 32 1.22 28.25 -14.05
CA ALA B 32 2.63 27.97 -14.32
C ALA B 32 3.53 28.50 -13.21
N LYS B 33 3.23 29.70 -12.73
CA LYS B 33 4.02 30.32 -11.68
C LYS B 33 4.08 29.45 -10.41
N THR B 34 2.97 28.83 -10.09
CA THR B 34 2.90 27.98 -8.89
C THR B 34 3.33 26.54 -9.16
N ARG B 35 3.27 26.14 -10.42
CA ARG B 35 3.63 24.76 -10.80
C ARG B 35 5.14 24.52 -10.76
N GLU B 36 5.94 25.54 -11.03
CA GLU B 36 7.40 25.42 -11.06
C GLU B 36 7.96 25.04 -9.70
N LYS B 37 7.30 25.50 -8.67
CA LYS B 37 7.74 25.23 -7.30
C LYS B 37 7.44 23.79 -6.90
N VAL B 38 6.42 23.19 -7.49
CA VAL B 38 6.07 21.81 -7.19
C VAL B 38 7.07 20.88 -7.81
N GLU B 39 7.49 21.18 -9.03
CA GLU B 39 8.48 20.37 -9.72
C GLU B 39 9.79 20.41 -8.95
N ALA B 40 10.17 21.61 -8.54
CA ALA B 40 11.36 21.83 -7.74
C ALA B 40 11.30 21.05 -6.45
N ALA B 41 10.13 20.99 -5.84
CA ALA B 41 9.94 20.27 -4.59
C ALA B 41 10.21 18.78 -4.78
N MET B 42 9.74 18.27 -5.93
CA MET B 42 9.92 16.86 -6.26
C MET B 42 11.40 16.52 -6.41
N ALA B 43 12.18 17.44 -6.97
CA ALA B 43 13.62 17.23 -7.19
C ALA B 43 14.41 17.55 -5.91
N GLU B 44 13.97 18.56 -5.19
CA GLU B 44 14.64 18.99 -3.96
C GLU B 44 14.52 17.91 -2.89
N LEU B 45 13.33 17.36 -2.73
CA LEU B 45 13.09 16.32 -1.74
C LEU B 45 13.55 14.97 -2.28
N ASN B 46 13.91 14.98 -3.55
CA ASN B 46 14.36 13.78 -4.26
C ASN B 46 13.29 12.69 -4.22
N TYR B 47 12.07 13.08 -4.57
CA TYR B 47 10.93 12.16 -4.57
C TYR B 47 11.11 11.04 -5.56
N ILE B 48 11.12 9.81 -5.06
CA ILE B 48 11.24 8.64 -5.91
C ILE B 48 10.08 7.72 -5.60
N PRO B 49 9.31 7.27 -6.62
CA PRO B 49 8.18 6.36 -6.40
C PRO B 49 8.53 5.24 -5.42
N ASN B 50 8.19 5.45 -4.17
CA ASN B 50 8.49 4.50 -3.12
C ASN B 50 7.54 3.31 -3.15
N ARG B 51 7.97 2.19 -2.60
CA ARG B 51 7.16 1.00 -2.53
C ARG B 51 6.43 0.97 -1.17
N CYS B 52 5.50 0.03 -1.04
CA CYS B 52 4.73 -0.14 0.19
C CYS B 52 3.90 1.11 0.45
N ALA B 53 3.25 1.57 -0.61
CA ALA B 53 2.40 2.79 -0.58
C ALA B 53 1.87 3.06 -1.98
N GLN B 54 2.61 2.58 -2.96
CA GLN B 54 2.25 2.79 -4.33
C GLN B 54 1.38 1.63 -4.79
N GLN B 55 1.76 0.40 -4.37
CA GLN B 55 1.02 -0.81 -4.75
C GLN B 55 -0.31 -0.87 -4.00
N LEU B 56 -0.22 -0.63 -2.70
CA LEU B 56 -1.39 -0.63 -1.82
C LEU B 56 -2.44 0.39 -2.26
N ALA B 57 -1.99 1.49 -2.87
CA ALA B 57 -2.90 2.55 -3.29
C ALA B 57 -3.34 2.38 -4.74
N GLY B 58 -2.68 1.49 -5.47
CA GLY B 58 -3.02 1.29 -6.87
C GLY B 58 -3.90 0.09 -7.06
N LYS B 59 -3.77 -0.85 -6.14
CA LYS B 59 -4.52 -2.07 -6.19
C LYS B 59 -5.82 -1.95 -5.41
N GLN B 60 -6.61 -0.95 -5.76
CA GLN B 60 -7.90 -0.72 -5.11
C GLN B 60 -8.91 -1.80 -5.51
N SER B 61 -8.55 -2.58 -6.52
CA SER B 61 -9.37 -3.67 -6.99
C SER B 61 -8.76 -4.97 -6.50
N LEU B 62 -9.54 -6.04 -6.45
CA LEU B 62 -9.03 -7.32 -5.97
C LEU B 62 -7.87 -7.81 -6.86
N MET A 1 -4.75 -8.70 -10.36
CA MET A 1 -5.87 -8.95 -11.30
C MET A 1 -7.21 -8.84 -10.57
N LYS A 2 -7.49 -9.82 -9.72
CA LYS A 2 -8.73 -9.85 -8.97
C LYS A 2 -8.52 -9.29 -7.57
N PRO A 3 -9.50 -8.52 -7.04
CA PRO A 3 -9.40 -7.93 -5.70
C PRO A 3 -9.62 -8.94 -4.57
N VAL A 4 -8.99 -10.10 -4.66
CA VAL A 4 -9.15 -11.13 -3.64
C VAL A 4 -8.03 -11.04 -2.59
N THR A 5 -8.39 -10.60 -1.38
CA THR A 5 -7.42 -10.48 -0.31
C THR A 5 -7.88 -11.22 0.93
N LEU A 6 -7.17 -10.99 2.04
CA LEU A 6 -7.50 -11.63 3.32
C LEU A 6 -8.97 -11.40 3.71
N TYR A 7 -9.63 -10.43 3.09
CA TYR A 7 -11.03 -10.15 3.41
C TYR A 7 -11.96 -11.13 2.67
N ASP A 8 -11.56 -11.56 1.49
CA ASP A 8 -12.36 -12.49 0.70
C ASP A 8 -12.17 -13.91 1.22
N VAL A 9 -10.91 -14.27 1.48
CA VAL A 9 -10.57 -15.61 1.99
C VAL A 9 -11.17 -15.83 3.37
N ALA A 10 -11.38 -14.76 4.12
CA ALA A 10 -11.95 -14.84 5.46
C ALA A 10 -13.34 -15.46 5.40
N GLU A 11 -14.22 -14.82 4.63
CA GLU A 11 -15.60 -15.26 4.47
C GLU A 11 -15.63 -16.68 3.91
N TYR A 12 -14.82 -16.92 2.88
CA TYR A 12 -14.74 -18.23 2.22
C TYR A 12 -14.32 -19.34 3.19
N ALA A 13 -13.66 -18.95 4.27
CA ALA A 13 -13.22 -19.91 5.27
C ALA A 13 -14.09 -19.87 6.53
N GLY A 14 -14.97 -18.88 6.63
CA GLY A 14 -15.84 -18.78 7.79
C GLY A 14 -15.14 -18.22 9.00
N VAL A 15 -14.15 -17.35 8.76
CA VAL A 15 -13.40 -16.73 9.83
C VAL A 15 -13.15 -15.26 9.52
N SER A 16 -12.38 -14.59 10.36
CA SER A 16 -12.07 -13.19 10.13
C SER A 16 -10.85 -13.09 9.22
N TYR A 17 -10.58 -11.89 8.72
CA TYR A 17 -9.43 -11.69 7.83
C TYR A 17 -8.11 -11.92 8.57
N GLN A 18 -8.15 -11.88 9.90
CA GLN A 18 -6.95 -12.07 10.72
C GLN A 18 -6.46 -13.52 10.63
N THR A 19 -7.36 -14.46 10.41
CA THR A 19 -6.99 -15.86 10.29
C THR A 19 -6.18 -16.08 9.00
N VAL A 20 -6.57 -15.36 7.95
CA VAL A 20 -5.88 -15.44 6.67
C VAL A 20 -4.47 -14.85 6.79
N SER A 21 -4.34 -13.76 7.57
CA SER A 21 -3.05 -13.09 7.78
C SER A 21 -2.22 -13.83 8.85
N ARG A 22 -2.90 -14.62 9.67
CA ARG A 22 -2.27 -15.36 10.74
C ARG A 22 -1.29 -16.41 10.22
N VAL A 23 -1.55 -16.98 9.06
CA VAL A 23 -0.64 -18.00 8.53
C VAL A 23 0.50 -17.40 7.70
N VAL A 24 0.46 -16.10 7.50
CA VAL A 24 1.49 -15.43 6.74
C VAL A 24 2.68 -15.10 7.60
N ASN A 25 2.42 -14.41 8.69
CA ASN A 25 3.48 -14.01 9.60
C ASN A 25 3.67 -14.99 10.74
N GLN A 26 2.65 -15.11 11.61
CA GLN A 26 2.75 -15.99 12.76
C GLN A 26 2.90 -17.46 12.37
N ALA A 27 1.92 -17.96 11.63
CA ALA A 27 1.90 -19.35 11.18
C ALA A 27 1.93 -20.29 12.38
N SER A 28 1.35 -19.85 13.49
CA SER A 28 1.33 -20.64 14.69
C SER A 28 0.08 -21.52 14.79
N HIS A 29 -0.30 -21.88 16.01
CA HIS A 29 -1.46 -22.74 16.25
C HIS A 29 -2.77 -22.05 15.87
N VAL A 30 -3.26 -22.39 14.70
CA VAL A 30 -4.51 -21.83 14.20
C VAL A 30 -5.61 -22.90 14.28
N SER A 31 -6.00 -23.22 15.51
CA SER A 31 -7.06 -24.20 15.79
C SER A 31 -6.64 -25.63 15.42
N ALA A 32 -5.62 -25.76 14.55
CA ALA A 32 -5.13 -27.07 14.09
C ALA A 32 -6.15 -27.71 13.14
N LYS A 33 -7.24 -26.99 12.87
CA LYS A 33 -8.28 -27.45 11.95
C LYS A 33 -8.42 -26.48 10.80
N THR A 34 -8.45 -25.20 11.17
CA THR A 34 -8.59 -24.11 10.21
C THR A 34 -7.22 -23.63 9.73
N ARG A 35 -6.16 -24.27 10.23
CA ARG A 35 -4.80 -23.90 9.86
C ARG A 35 -4.54 -24.30 8.41
N GLU A 36 -4.75 -25.59 8.12
CA GLU A 36 -4.55 -26.10 6.77
C GLU A 36 -5.61 -25.53 5.83
N LYS A 37 -6.79 -25.28 6.38
CA LYS A 37 -7.89 -24.73 5.58
C LYS A 37 -7.46 -23.44 4.90
N VAL A 38 -6.91 -22.51 5.67
CA VAL A 38 -6.45 -21.24 5.12
C VAL A 38 -5.27 -21.44 4.17
N GLU A 39 -4.30 -22.26 4.59
CA GLU A 39 -3.10 -22.54 3.79
C GLU A 39 -3.48 -23.06 2.40
N ALA A 40 -4.53 -23.84 2.30
CA ALA A 40 -4.95 -24.39 1.02
C ALA A 40 -5.86 -23.41 0.26
N ALA A 41 -6.80 -22.78 0.97
CA ALA A 41 -7.71 -21.83 0.34
C ALA A 41 -6.97 -20.69 -0.32
N MET A 42 -5.93 -20.18 0.34
CA MET A 42 -5.17 -19.07 -0.23
C MET A 42 -4.51 -19.47 -1.54
N ALA A 43 -4.09 -20.71 -1.65
CA ALA A 43 -3.45 -21.19 -2.86
C ALA A 43 -4.49 -21.51 -3.92
N GLU A 44 -5.67 -21.95 -3.46
CA GLU A 44 -6.75 -22.31 -4.36
C GLU A 44 -7.36 -21.08 -5.01
N LEU A 45 -7.47 -20.00 -4.25
CA LEU A 45 -8.05 -18.77 -4.77
C LEU A 45 -7.00 -17.90 -5.47
N ASN A 46 -5.79 -18.46 -5.62
CA ASN A 46 -4.67 -17.76 -6.28
C ASN A 46 -4.31 -16.48 -5.52
N TYR A 47 -4.61 -16.46 -4.23
CA TYR A 47 -4.35 -15.32 -3.36
C TYR A 47 -2.86 -15.06 -3.20
N ILE A 48 -2.49 -13.79 -3.12
CA ILE A 48 -1.11 -13.35 -2.95
C ILE A 48 -1.05 -12.26 -1.89
N PRO A 49 -0.50 -12.59 -0.71
CA PRO A 49 -0.38 -11.67 0.43
C PRO A 49 0.59 -10.49 0.21
N ASN A 50 0.70 -10.04 -1.03
CA ASN A 50 1.57 -8.90 -1.39
C ASN A 50 3.03 -9.13 -0.99
N ARG A 51 3.85 -8.10 -1.16
CA ARG A 51 5.26 -8.18 -0.82
C ARG A 51 5.74 -6.91 -0.09
N CYS A 52 5.34 -5.75 -0.58
CA CYS A 52 5.74 -4.48 0.00
C CYS A 52 4.69 -3.95 0.98
N ALA A 53 3.47 -4.45 0.87
CA ALA A 53 2.39 -4.00 1.73
C ALA A 53 2.65 -4.43 3.18
N GLN A 54 3.43 -5.50 3.32
CA GLN A 54 3.78 -6.03 4.64
C GLN A 54 4.73 -5.08 5.37
N GLN A 55 5.33 -4.17 4.62
CA GLN A 55 6.25 -3.21 5.20
C GLN A 55 5.49 -2.07 5.86
N LEU A 56 4.83 -1.29 5.03
CA LEU A 56 4.05 -0.15 5.48
C LEU A 56 2.93 -0.50 6.48
N ALA A 57 2.70 -1.79 6.72
CA ALA A 57 1.64 -2.20 7.62
C ALA A 57 2.11 -2.29 9.08
N GLY A 58 3.35 -1.91 9.34
CA GLY A 58 3.86 -1.95 10.70
C GLY A 58 5.34 -1.67 10.74
N LYS A 59 5.84 -1.24 11.89
CA LYS A 59 7.26 -0.92 12.05
C LYS A 59 7.62 0.26 11.15
N GLN A 60 8.80 0.21 10.51
CA GLN A 60 9.25 1.28 9.62
C GLN A 60 9.49 2.59 10.39
N SER A 61 8.41 3.24 10.76
CA SER A 61 8.47 4.49 11.49
C SER A 61 8.84 4.27 12.96
N LEU A 62 8.76 3.02 13.40
CA LEU A 62 9.09 2.64 14.76
C LEU A 62 10.43 1.91 14.78
N MET B 1 5.92 7.93 11.52
CA MET B 1 6.48 8.77 10.48
C MET B 1 7.98 8.91 10.70
N LYS B 2 8.75 8.83 9.63
CA LYS B 2 10.20 8.95 9.74
C LYS B 2 10.82 9.53 8.48
N PRO B 3 10.54 8.96 7.29
CA PRO B 3 11.12 9.47 6.05
C PRO B 3 10.29 10.60 5.43
N VAL B 4 10.61 10.94 4.19
CA VAL B 4 9.87 11.97 3.46
C VAL B 4 8.50 11.43 3.12
N THR B 5 7.51 12.29 3.03
CA THR B 5 6.15 11.88 2.68
C THR B 5 5.47 12.94 1.81
N LEU B 6 4.31 12.61 1.29
CA LEU B 6 3.58 13.54 0.46
C LEU B 6 3.04 14.72 1.28
N TYR B 7 3.05 14.57 2.61
CA TYR B 7 2.58 15.64 3.49
C TYR B 7 3.63 16.72 3.58
N ASP B 8 4.88 16.35 3.30
CA ASP B 8 6.00 17.29 3.35
C ASP B 8 5.90 18.30 2.23
N VAL B 9 5.68 17.81 1.01
CA VAL B 9 5.60 18.68 -0.15
C VAL B 9 4.37 19.58 -0.09
N ALA B 10 3.31 19.10 0.52
CA ALA B 10 2.08 19.87 0.63
C ALA B 10 2.22 21.05 1.60
N GLU B 11 2.97 20.87 2.68
CA GLU B 11 3.15 21.93 3.67
C GLU B 11 4.25 22.91 3.24
N TYR B 12 5.30 22.36 2.64
CA TYR B 12 6.44 23.16 2.19
C TYR B 12 6.07 24.23 1.16
N ALA B 13 5.42 23.83 0.08
CA ALA B 13 5.05 24.78 -0.96
C ALA B 13 3.60 25.22 -0.89
N GLY B 14 2.78 24.60 -0.04
CA GLY B 14 1.38 24.99 0.04
C GLY B 14 0.57 24.34 -1.07
N VAL B 15 0.75 23.04 -1.21
CA VAL B 15 0.05 22.29 -2.25
C VAL B 15 -1.24 21.68 -1.71
N SER B 16 -2.23 21.62 -2.57
CA SER B 16 -3.55 21.10 -2.22
C SER B 16 -3.61 19.58 -2.20
N TYR B 17 -2.44 18.93 -2.20
CA TYR B 17 -2.32 17.47 -2.15
C TYR B 17 -3.02 16.80 -3.35
N GLN B 18 -3.31 17.58 -4.38
CA GLN B 18 -3.97 17.09 -5.56
C GLN B 18 -3.16 17.44 -6.79
N THR B 19 -2.48 18.58 -6.73
CA THR B 19 -1.69 19.06 -7.84
C THR B 19 -0.29 18.45 -7.88
N VAL B 20 0.11 17.72 -6.83
CA VAL B 20 1.42 17.11 -6.79
C VAL B 20 1.43 15.78 -7.53
N SER B 21 0.60 14.85 -7.07
CA SER B 21 0.49 13.52 -7.65
C SER B 21 0.22 13.58 -9.16
N ARG B 22 -0.42 14.64 -9.59
CA ARG B 22 -0.75 14.82 -10.99
C ARG B 22 0.52 14.98 -11.81
N VAL B 23 1.47 15.74 -11.29
CA VAL B 23 2.73 15.97 -11.99
C VAL B 23 3.54 14.68 -12.05
N VAL B 24 3.31 13.84 -11.06
CA VAL B 24 4.00 12.56 -10.98
C VAL B 24 3.35 11.52 -11.90
N ASN B 25 2.03 11.50 -11.93
CA ASN B 25 1.30 10.54 -12.77
C ASN B 25 0.89 11.15 -14.11
N GLN B 26 -0.15 11.97 -14.09
CA GLN B 26 -0.64 12.59 -15.31
C GLN B 26 -1.34 13.92 -15.03
N ALA B 27 -0.61 15.00 -15.27
CA ALA B 27 -1.12 16.33 -15.09
C ALA B 27 -2.25 16.63 -16.07
N SER B 28 -3.22 17.41 -15.65
CA SER B 28 -4.35 17.77 -16.50
C SER B 28 -4.74 19.23 -16.28
N HIS B 29 -5.51 19.51 -15.22
CA HIS B 29 -5.93 20.88 -14.95
C HIS B 29 -5.06 21.53 -13.89
N VAL B 30 -3.76 21.56 -14.16
CA VAL B 30 -2.78 22.16 -13.27
C VAL B 30 -2.36 23.53 -13.80
N SER B 31 -2.70 24.58 -13.08
CA SER B 31 -2.34 25.93 -13.50
C SER B 31 -0.82 26.08 -13.60
N ALA B 32 -0.39 26.94 -14.51
CA ALA B 32 1.01 27.21 -14.73
C ALA B 32 1.68 27.79 -13.50
N LYS B 33 0.90 28.42 -12.64
CA LYS B 33 1.43 29.01 -11.42
C LYS B 33 1.54 27.96 -10.33
N THR B 34 0.76 26.89 -10.46
CA THR B 34 0.76 25.83 -9.46
C THR B 34 1.76 24.74 -9.79
N ARG B 35 1.98 24.51 -11.08
CA ARG B 35 2.87 23.45 -11.54
C ARG B 35 4.33 23.73 -11.18
N GLU B 36 4.62 24.96 -10.80
CA GLU B 36 5.96 25.32 -10.42
C GLU B 36 6.19 25.10 -8.93
N LYS B 37 5.19 25.43 -8.11
CA LYS B 37 5.30 25.26 -6.67
C LYS B 37 5.43 23.76 -6.30
N VAL B 38 4.66 22.95 -7.00
CA VAL B 38 4.65 21.51 -6.75
C VAL B 38 6.00 20.89 -7.08
N GLU B 39 6.67 21.44 -8.09
CA GLU B 39 7.98 20.96 -8.50
C GLU B 39 9.04 21.38 -7.49
N ALA B 40 8.95 22.64 -7.06
CA ALA B 40 9.87 23.18 -6.08
C ALA B 40 9.86 22.34 -4.80
N ALA B 41 8.66 21.92 -4.38
CA ALA B 41 8.52 21.11 -3.18
C ALA B 41 9.16 19.73 -3.36
N MET B 42 8.96 19.16 -4.54
CA MET B 42 9.48 17.84 -4.84
C MET B 42 11.00 17.87 -5.06
N ALA B 43 11.51 18.94 -5.66
CA ALA B 43 12.95 19.09 -5.90
C ALA B 43 13.70 19.34 -4.59
N GLU B 44 13.13 20.18 -3.74
CA GLU B 44 13.76 20.53 -2.47
C GLU B 44 13.81 19.33 -1.54
N LEU B 45 12.69 18.65 -1.41
CA LEU B 45 12.58 17.48 -0.56
C LEU B 45 13.05 16.21 -1.27
N ASN B 46 13.44 16.34 -2.55
CA ASN B 46 13.91 15.20 -3.35
C ASN B 46 12.91 14.04 -3.32
N TYR B 47 11.69 14.32 -3.75
CA TYR B 47 10.68 13.28 -3.77
C TYR B 47 11.07 12.17 -4.75
N ILE B 48 11.22 10.96 -4.21
CA ILE B 48 11.57 9.82 -5.01
C ILE B 48 10.34 8.93 -5.19
N PRO B 49 9.93 8.65 -6.44
CA PRO B 49 8.75 7.82 -6.73
C PRO B 49 8.77 6.48 -5.97
N ASN B 50 8.02 6.45 -4.87
CA ASN B 50 7.95 5.26 -4.02
C ASN B 50 6.91 4.27 -4.53
N ARG B 51 7.39 3.20 -5.18
CA ARG B 51 6.50 2.19 -5.70
C ARG B 51 6.16 1.16 -4.62
N CYS B 52 5.00 1.35 -4.06
CA CYS B 52 4.45 0.51 -3.01
C CYS B 52 3.05 1.02 -2.72
N ALA B 53 2.97 2.20 -2.11
CA ALA B 53 1.69 2.82 -1.81
C ALA B 53 1.06 3.42 -3.06
N GLN B 54 1.62 3.07 -4.22
CA GLN B 54 1.09 3.55 -5.50
C GLN B 54 0.02 2.57 -5.97
N GLN B 55 0.32 1.27 -5.90
CA GLN B 55 -0.67 0.25 -6.25
C GLN B 55 -1.51 -0.04 -5.02
N LEU B 56 -0.85 0.04 -3.85
CA LEU B 56 -1.47 -0.18 -2.56
C LEU B 56 -2.15 1.10 -2.11
N ALA B 57 -3.00 1.62 -2.96
CA ALA B 57 -3.75 2.83 -2.63
C ALA B 57 -5.16 2.80 -3.19
N GLY B 58 -5.52 1.71 -3.87
CA GLY B 58 -6.84 1.65 -4.44
C GLY B 58 -6.96 0.69 -5.60
N LYS B 59 -5.91 0.59 -6.40
CA LYS B 59 -5.94 -0.27 -7.57
C LYS B 59 -4.67 -1.11 -7.70
N GLN B 60 -4.81 -2.43 -7.55
CA GLN B 60 -3.67 -3.35 -7.68
C GLN B 60 -3.05 -3.29 -9.07
N SER B 61 -1.73 -3.45 -9.13
CA SER B 61 -1.00 -3.42 -10.40
C SER B 61 -0.33 -4.77 -10.63
N LEU B 62 -1.02 -5.83 -10.25
CA LEU B 62 -0.52 -7.17 -10.41
C LEU B 62 -1.70 -8.14 -10.63
N MET A 1 -11.33 -8.18 -12.56
CA MET A 1 -10.17 -8.59 -11.75
C MET A 1 -10.45 -8.39 -10.27
N LYS A 2 -10.50 -9.47 -9.51
CA LYS A 2 -10.81 -9.39 -8.09
C LYS A 2 -9.55 -9.58 -7.24
N PRO A 3 -9.13 -8.53 -6.53
CA PRO A 3 -7.97 -8.60 -5.64
C PRO A 3 -8.28 -9.41 -4.38
N VAL A 4 -8.05 -10.71 -4.46
CA VAL A 4 -8.31 -11.62 -3.36
C VAL A 4 -7.31 -11.42 -2.21
N THR A 5 -7.76 -10.79 -1.14
CA THR A 5 -6.92 -10.56 0.01
C THR A 5 -7.38 -11.41 1.17
N LEU A 6 -6.82 -11.19 2.36
CA LEU A 6 -7.22 -11.95 3.56
C LEU A 6 -8.70 -11.79 3.86
N TYR A 7 -9.30 -10.71 3.37
CA TYR A 7 -10.71 -10.44 3.58
C TYR A 7 -11.57 -11.42 2.78
N ASP A 8 -11.04 -11.89 1.66
CA ASP A 8 -11.77 -12.83 0.80
C ASP A 8 -11.51 -14.24 1.26
N VAL A 9 -10.24 -14.54 1.51
CA VAL A 9 -9.83 -15.89 1.97
C VAL A 9 -10.52 -16.21 3.31
N ALA A 10 -10.85 -15.16 4.06
CA ALA A 10 -11.53 -15.30 5.35
C ALA A 10 -12.90 -15.99 5.18
N GLU A 11 -13.70 -15.49 4.23
CA GLU A 11 -15.01 -16.08 3.95
C GLU A 11 -14.87 -17.52 3.47
N TYR A 12 -14.01 -17.69 2.46
CA TYR A 12 -13.76 -19.01 1.87
C TYR A 12 -13.30 -20.00 2.93
N ALA A 13 -12.61 -19.48 3.95
CA ALA A 13 -12.11 -20.31 5.03
C ALA A 13 -13.13 -20.47 6.15
N GLY A 14 -14.12 -19.60 6.19
CA GLY A 14 -15.13 -19.67 7.23
C GLY A 14 -14.69 -19.05 8.53
N VAL A 15 -13.70 -18.16 8.47
CA VAL A 15 -13.19 -17.51 9.68
C VAL A 15 -12.97 -16.04 9.41
N SER A 16 -12.36 -15.34 10.34
CA SER A 16 -12.10 -13.93 10.16
C SER A 16 -10.75 -13.72 9.48
N TYR A 17 -10.49 -12.49 9.06
CA TYR A 17 -9.26 -12.16 8.37
C TYR A 17 -8.02 -12.28 9.28
N GLN A 18 -8.25 -12.30 10.60
CA GLN A 18 -7.16 -12.44 11.56
C GLN A 18 -6.54 -13.83 11.46
N THR A 19 -7.37 -14.81 11.18
CA THR A 19 -6.92 -16.18 11.04
C THR A 19 -6.03 -16.30 9.79
N VAL A 20 -6.39 -15.60 8.72
CA VAL A 20 -5.63 -15.62 7.46
C VAL A 20 -4.25 -14.97 7.68
N SER A 21 -4.24 -13.83 8.37
CA SER A 21 -3.00 -13.12 8.64
C SER A 21 -2.04 -13.98 9.46
N ARG A 22 -2.61 -14.82 10.29
CA ARG A 22 -1.84 -15.67 11.18
C ARG A 22 -1.10 -16.80 10.46
N VAL A 23 -1.68 -17.35 9.41
CA VAL A 23 -1.01 -18.43 8.68
C VAL A 23 0.07 -17.88 7.73
N VAL A 24 0.08 -16.58 7.53
CA VAL A 24 1.10 -15.96 6.69
C VAL A 24 2.40 -15.82 7.49
N ASN A 25 2.27 -15.26 8.67
CA ASN A 25 3.41 -15.02 9.56
C ASN A 25 3.65 -16.19 10.51
N GLN A 26 2.70 -16.45 11.39
CA GLN A 26 2.84 -17.53 12.39
C GLN A 26 2.88 -18.91 11.72
N ALA A 27 1.72 -19.37 11.24
CA ALA A 27 1.58 -20.67 10.59
C ALA A 27 2.03 -21.83 11.50
N SER A 28 1.94 -21.61 12.81
CA SER A 28 2.35 -22.61 13.79
C SER A 28 1.15 -23.10 14.61
N HIS A 29 0.80 -22.34 15.63
CA HIS A 29 -0.32 -22.69 16.51
C HIS A 29 -1.66 -22.21 15.95
N VAL A 30 -2.32 -23.05 15.16
CA VAL A 30 -3.61 -22.70 14.56
C VAL A 30 -4.61 -23.85 14.72
N SER A 31 -5.19 -23.94 15.92
CA SER A 31 -6.16 -25.00 16.27
C SER A 31 -5.56 -26.40 16.16
N ALA A 32 -4.30 -26.48 15.72
CA ALA A 32 -3.60 -27.74 15.53
C ALA A 32 -4.34 -28.63 14.54
N LYS A 33 -5.14 -27.99 13.71
CA LYS A 33 -5.94 -28.67 12.71
C LYS A 33 -6.17 -27.76 11.50
N THR A 34 -6.74 -26.59 11.75
CA THR A 34 -7.04 -25.65 10.69
C THR A 34 -5.82 -24.81 10.30
N ARG A 35 -4.65 -25.42 10.44
CA ARG A 35 -3.40 -24.72 10.12
C ARG A 35 -3.16 -24.80 8.63
N GLU A 36 -3.34 -25.99 8.09
CA GLU A 36 -3.11 -26.23 6.68
C GLU A 36 -4.29 -25.79 5.85
N LYS A 37 -5.46 -25.63 6.47
CA LYS A 37 -6.66 -25.23 5.75
C LYS A 37 -6.42 -23.90 5.04
N VAL A 38 -6.21 -22.84 5.82
CA VAL A 38 -5.98 -21.53 5.29
C VAL A 38 -4.71 -21.48 4.43
N GLU A 39 -3.67 -22.22 4.84
CA GLU A 39 -2.42 -22.25 4.09
C GLU A 39 -2.64 -22.78 2.67
N ALA A 40 -3.60 -23.70 2.51
CA ALA A 40 -3.90 -24.26 1.20
C ALA A 40 -4.89 -23.37 0.48
N ALA A 41 -5.69 -22.64 1.27
CA ALA A 41 -6.71 -21.76 0.73
C ALA A 41 -6.06 -20.53 0.08
N MET A 42 -5.06 -19.97 0.76
CA MET A 42 -4.33 -18.82 0.24
C MET A 42 -3.64 -19.19 -1.07
N ALA A 43 -3.20 -20.44 -1.15
CA ALA A 43 -2.54 -20.94 -2.35
C ALA A 43 -3.56 -21.20 -3.45
N GLU A 44 -4.72 -21.67 -3.06
CA GLU A 44 -5.79 -21.98 -3.97
C GLU A 44 -6.22 -20.78 -4.79
N LEU A 45 -6.34 -19.64 -4.13
CA LEU A 45 -6.78 -18.42 -4.79
C LEU A 45 -5.61 -17.55 -5.22
N ASN A 46 -4.39 -18.04 -5.02
CA ASN A 46 -3.16 -17.28 -5.38
C ASN A 46 -3.14 -15.93 -4.64
N TYR A 47 -3.40 -16.02 -3.34
CA TYR A 47 -3.42 -14.86 -2.47
C TYR A 47 -2.02 -14.32 -2.21
N ILE A 48 -1.87 -13.04 -2.50
CA ILE A 48 -0.60 -12.37 -2.30
C ILE A 48 -0.72 -11.37 -1.13
N PRO A 49 -0.15 -11.72 0.04
CA PRO A 49 -0.20 -10.88 1.26
C PRO A 49 0.58 -9.58 1.17
N ASN A 50 0.94 -9.18 -0.05
CA ASN A 50 1.69 -7.95 -0.28
C ASN A 50 3.03 -7.98 0.44
N ARG A 51 3.73 -6.85 0.44
CA ARG A 51 5.00 -6.76 1.12
C ARG A 51 5.09 -5.48 1.93
N CYS A 52 4.50 -4.40 1.41
CA CYS A 52 4.55 -3.11 2.06
C CYS A 52 3.40 -2.90 3.03
N ALA A 53 2.32 -3.65 2.84
CA ALA A 53 1.14 -3.54 3.70
C ALA A 53 1.46 -4.00 5.13
N GLN A 54 2.25 -5.07 5.23
CA GLN A 54 2.62 -5.63 6.52
C GLN A 54 3.49 -4.66 7.32
N GLN A 55 4.33 -3.93 6.62
CA GLN A 55 5.23 -2.97 7.26
C GLN A 55 4.48 -1.73 7.77
N LEU A 56 3.98 -0.90 6.84
CA LEU A 56 3.22 0.33 7.13
C LEU A 56 2.02 0.17 8.06
N ALA A 57 1.54 -1.06 8.24
CA ALA A 57 0.42 -1.27 9.11
C ALA A 57 0.65 -0.63 10.49
N GLY A 58 1.72 -1.01 11.15
CA GLY A 58 2.02 -0.42 12.42
C GLY A 58 3.23 0.49 12.37
N LYS A 59 3.30 1.30 11.32
CA LYS A 59 4.43 2.22 11.13
C LYS A 59 5.76 1.47 11.20
N GLN A 60 6.78 2.13 11.74
CA GLN A 60 8.13 1.56 11.87
C GLN A 60 8.70 1.17 10.52
N SER A 61 9.76 0.35 10.51
CA SER A 61 10.39 -0.08 9.27
C SER A 61 9.87 -1.46 8.82
N LEU A 62 9.17 -2.13 9.71
CA LEU A 62 8.62 -3.47 9.43
C LEU A 62 7.53 -3.83 10.41
N MET B 1 14.89 5.16 7.42
CA MET B 1 13.94 5.20 8.55
C MET B 1 12.66 5.89 8.12
N LYS B 2 12.83 6.96 7.36
CA LYS B 2 11.70 7.71 6.86
C LYS B 2 12.08 8.44 5.57
N PRO B 3 11.75 7.84 4.40
CA PRO B 3 12.00 8.44 3.09
C PRO B 3 11.04 9.60 2.80
N VAL B 4 11.10 10.11 1.57
CA VAL B 4 10.26 11.22 1.14
C VAL B 4 8.78 10.82 1.23
N THR B 5 7.91 11.81 1.36
CA THR B 5 6.46 11.58 1.42
C THR B 5 5.73 12.49 0.43
N LEU B 6 4.48 12.23 0.20
CA LEU B 6 3.68 13.04 -0.71
C LEU B 6 3.27 14.33 -0.02
N TYR B 7 3.29 14.30 1.30
CA TYR B 7 2.95 15.47 2.11
C TYR B 7 4.16 16.40 2.21
N ASP B 8 5.36 15.83 2.12
CA ASP B 8 6.59 16.61 2.21
C ASP B 8 6.71 17.60 1.06
N VAL B 9 6.52 17.09 -0.15
CA VAL B 9 6.59 17.91 -1.35
C VAL B 9 5.40 18.83 -1.48
N ALA B 10 4.37 18.61 -0.67
CA ALA B 10 3.18 19.45 -0.72
C ALA B 10 3.34 20.67 0.18
N GLU B 11 3.72 20.40 1.43
CA GLU B 11 3.90 21.47 2.41
C GLU B 11 5.10 22.35 2.03
N TYR B 12 6.17 21.72 1.55
CA TYR B 12 7.37 22.44 1.17
C TYR B 12 7.09 23.42 0.05
N ALA B 13 6.27 22.99 -0.92
CA ALA B 13 5.91 23.81 -2.06
C ALA B 13 4.73 24.70 -1.75
N GLY B 14 4.07 24.47 -0.62
CA GLY B 14 2.93 25.28 -0.27
C GLY B 14 1.79 25.09 -1.26
N VAL B 15 1.70 23.88 -1.80
CA VAL B 15 0.68 23.56 -2.77
C VAL B 15 -0.51 22.88 -2.13
N SER B 16 -1.53 22.62 -2.92
CA SER B 16 -2.75 21.98 -2.44
C SER B 16 -2.70 20.46 -2.56
N TYR B 17 -1.51 19.91 -2.85
CA TYR B 17 -1.33 18.45 -2.99
C TYR B 17 -1.93 17.93 -4.32
N GLN B 18 -3.24 18.10 -4.50
CA GLN B 18 -3.93 17.63 -5.72
C GLN B 18 -3.33 18.25 -6.97
N THR B 19 -2.81 19.47 -6.81
CA THR B 19 -2.19 20.18 -7.92
C THR B 19 -0.96 19.41 -8.45
N VAL B 20 -0.22 18.80 -7.52
CA VAL B 20 0.98 18.02 -7.86
C VAL B 20 0.61 16.77 -8.61
N SER B 21 -0.41 16.06 -8.12
CA SER B 21 -0.87 14.83 -8.75
C SER B 21 -1.19 15.03 -10.23
N ARG B 22 -1.72 16.19 -10.60
CA ARG B 22 -2.07 16.44 -12.00
C ARG B 22 -0.82 16.82 -12.79
N VAL B 23 0.13 17.46 -12.14
CA VAL B 23 1.35 17.84 -12.83
C VAL B 23 2.14 16.60 -13.28
N VAL B 24 2.17 15.57 -12.45
CA VAL B 24 2.89 14.35 -12.77
C VAL B 24 2.03 13.38 -13.58
N ASN B 25 0.72 13.54 -13.51
CA ASN B 25 -0.17 12.64 -14.22
C ASN B 25 -0.88 13.33 -15.39
N GLN B 26 -1.84 14.19 -15.10
CA GLN B 26 -2.59 14.86 -16.13
C GLN B 26 -3.06 16.23 -15.66
N ALA B 27 -2.39 17.27 -16.13
CA ALA B 27 -2.74 18.63 -15.77
C ALA B 27 -3.69 19.25 -16.79
N SER B 28 -4.82 19.75 -16.31
CA SER B 28 -5.81 20.37 -17.18
C SER B 28 -5.86 21.87 -16.97
N HIS B 29 -6.52 22.30 -15.91
CA HIS B 29 -6.66 23.73 -15.60
C HIS B 29 -5.71 24.12 -14.50
N VAL B 30 -4.45 23.72 -14.65
CA VAL B 30 -3.43 24.01 -13.66
C VAL B 30 -2.59 25.20 -14.11
N SER B 31 -2.56 26.22 -13.28
CA SER B 31 -1.79 27.41 -13.58
C SER B 31 -0.29 27.12 -13.41
N ALA B 32 0.52 27.69 -14.31
CA ALA B 32 1.96 27.48 -14.28
C ALA B 32 2.60 28.04 -13.00
N LYS B 33 1.87 28.90 -12.29
CA LYS B 33 2.36 29.51 -11.04
C LYS B 33 2.51 28.47 -9.94
N THR B 34 1.62 27.49 -9.93
CA THR B 34 1.66 26.44 -8.93
C THR B 34 2.55 25.29 -9.40
N ARG B 35 2.73 25.21 -10.71
CA ARG B 35 3.54 24.15 -11.35
C ARG B 35 5.02 24.30 -11.04
N GLU B 36 5.52 25.53 -11.04
CA GLU B 36 6.92 25.79 -10.77
C GLU B 36 7.27 25.40 -9.33
N LYS B 37 6.33 25.60 -8.44
CA LYS B 37 6.51 25.29 -7.03
C LYS B 37 6.76 23.80 -6.79
N VAL B 38 6.13 22.97 -7.60
CA VAL B 38 6.27 21.53 -7.43
C VAL B 38 7.63 21.03 -7.94
N GLU B 39 8.24 21.79 -8.84
CA GLU B 39 9.55 21.41 -9.38
C GLU B 39 10.60 21.51 -8.28
N ALA B 40 10.66 22.67 -7.65
CA ALA B 40 11.59 22.92 -6.55
C ALA B 40 11.41 21.90 -5.44
N ALA B 41 10.16 21.56 -5.16
CA ALA B 41 9.86 20.61 -4.12
C ALA B 41 10.41 19.22 -4.43
N MET B 42 10.02 18.67 -5.59
CA MET B 42 10.46 17.34 -6.00
C MET B 42 11.98 17.28 -6.18
N ALA B 43 12.58 18.39 -6.60
CA ALA B 43 14.04 18.43 -6.81
C ALA B 43 14.81 18.60 -5.50
N GLU B 44 14.27 19.38 -4.57
CA GLU B 44 14.95 19.63 -3.29
C GLU B 44 14.85 18.45 -2.35
N LEU B 45 13.66 17.86 -2.28
CA LEU B 45 13.45 16.75 -1.38
C LEU B 45 13.72 15.41 -2.05
N ASN B 46 13.98 15.46 -3.35
CA ASN B 46 14.29 14.26 -4.14
C ASN B 46 13.12 13.28 -4.12
N TYR B 47 12.08 13.57 -4.90
CA TYR B 47 10.90 12.71 -4.94
C TYR B 47 11.17 11.44 -5.72
N ILE B 48 10.97 10.31 -5.05
CA ILE B 48 11.14 8.99 -5.64
C ILE B 48 9.85 8.21 -5.40
N PRO B 49 9.23 7.67 -6.48
CA PRO B 49 7.98 6.91 -6.36
C PRO B 49 8.07 5.83 -5.29
N ASN B 50 7.45 6.11 -4.15
CA ASN B 50 7.46 5.21 -3.03
C ASN B 50 6.55 4.01 -3.30
N ARG B 51 7.15 2.93 -3.77
CA ARG B 51 6.41 1.72 -4.05
C ARG B 51 6.15 0.96 -2.78
N CYS B 52 5.07 1.35 -2.16
CA CYS B 52 4.61 0.76 -0.92
C CYS B 52 3.20 1.21 -0.64
N ALA B 53 3.04 2.51 -0.43
CA ALA B 53 1.72 3.08 -0.19
C ALA B 53 1.00 3.38 -1.51
N GLN B 54 1.60 2.94 -2.61
CA GLN B 54 1.01 3.16 -3.92
C GLN B 54 0.11 1.99 -4.30
N GLN B 55 0.58 0.76 -4.05
CA GLN B 55 -0.20 -0.45 -4.34
C GLN B 55 -1.34 -0.53 -3.32
N LEU B 56 -1.02 -0.04 -2.13
CA LEU B 56 -1.93 0.00 -0.99
C LEU B 56 -2.78 1.28 -1.05
N ALA B 57 -3.36 1.55 -2.21
CA ALA B 57 -4.20 2.73 -2.39
C ALA B 57 -5.20 2.55 -3.52
N GLY B 58 -5.02 1.51 -4.32
CA GLY B 58 -5.94 1.24 -5.41
C GLY B 58 -5.77 -0.14 -5.99
N LYS B 59 -4.61 -0.39 -6.58
CA LYS B 59 -4.33 -1.68 -7.19
C LYS B 59 -2.97 -2.20 -6.75
N GLN B 60 -2.94 -3.47 -6.39
CA GLN B 60 -1.70 -4.13 -5.97
C GLN B 60 -0.67 -4.12 -7.10
N SER B 61 -1.15 -4.19 -8.34
CA SER B 61 -0.29 -4.17 -9.50
C SER B 61 -0.89 -3.28 -10.59
N LEU B 62 -0.04 -2.53 -11.29
CA LEU B 62 -0.49 -1.66 -12.36
C LEU B 62 -0.76 -2.47 -13.63
N MET A 1 -8.27 -10.82 -10.74
CA MET A 1 -9.51 -10.21 -11.27
C MET A 1 -10.43 -9.81 -10.12
N LYS A 2 -10.80 -10.78 -9.29
CA LYS A 2 -11.66 -10.52 -8.15
C LYS A 2 -10.82 -10.27 -6.91
N PRO A 3 -11.30 -9.44 -5.97
CA PRO A 3 -10.54 -9.11 -4.77
C PRO A 3 -10.57 -10.19 -3.69
N VAL A 4 -9.81 -11.26 -3.90
CA VAL A 4 -9.73 -12.34 -2.93
C VAL A 4 -8.60 -12.04 -1.94
N THR A 5 -8.97 -11.59 -0.75
CA THR A 5 -8.00 -11.24 0.28
C THR A 5 -8.20 -12.06 1.55
N LEU A 6 -7.49 -11.64 2.60
CA LEU A 6 -7.57 -12.25 3.92
C LEU A 6 -9.02 -12.34 4.41
N TYR A 7 -9.89 -11.46 3.90
CA TYR A 7 -11.29 -11.44 4.28
C TYR A 7 -12.06 -12.58 3.59
N ASP A 8 -11.72 -12.86 2.33
CA ASP A 8 -12.38 -13.92 1.56
C ASP A 8 -11.98 -15.29 2.10
N VAL A 9 -10.67 -15.53 2.20
CA VAL A 9 -10.14 -16.81 2.70
C VAL A 9 -10.64 -17.10 4.12
N ALA A 10 -10.81 -16.03 4.89
CA ALA A 10 -11.28 -16.13 6.27
C ALA A 10 -12.58 -16.93 6.36
N GLU A 11 -13.58 -16.45 5.65
CA GLU A 11 -14.89 -17.10 5.62
C GLU A 11 -14.78 -18.53 5.11
N TYR A 12 -13.95 -18.73 4.10
CA TYR A 12 -13.74 -20.04 3.50
C TYR A 12 -13.23 -21.04 4.52
N ALA A 13 -12.28 -20.62 5.35
CA ALA A 13 -11.68 -21.49 6.35
C ALA A 13 -12.54 -21.58 7.60
N GLY A 14 -13.37 -20.58 7.82
CA GLY A 14 -14.24 -20.57 8.98
C GLY A 14 -13.66 -19.78 10.13
N VAL A 15 -12.83 -18.79 9.81
CA VAL A 15 -12.18 -17.95 10.80
C VAL A 15 -12.21 -16.50 10.36
N SER A 16 -11.53 -15.62 11.09
CA SER A 16 -11.50 -14.22 10.71
C SER A 16 -10.24 -13.92 9.91
N TYR A 17 -10.12 -12.68 9.46
CA TYR A 17 -8.96 -12.29 8.66
C TYR A 17 -7.69 -12.29 9.50
N GLN A 18 -7.83 -12.26 10.83
CA GLN A 18 -6.69 -12.25 11.72
C GLN A 18 -5.96 -13.59 11.70
N THR A 19 -6.72 -14.67 11.69
CA THR A 19 -6.15 -16.01 11.66
C THR A 19 -5.42 -16.25 10.33
N VAL A 20 -6.04 -15.80 9.24
CA VAL A 20 -5.46 -15.98 7.90
C VAL A 20 -4.13 -15.22 7.77
N SER A 21 -4.04 -14.10 8.46
CA SER A 21 -2.85 -13.28 8.41
C SER A 21 -1.77 -13.78 9.38
N ARG A 22 -2.20 -14.40 10.47
CA ARG A 22 -1.28 -14.88 11.49
C ARG A 22 -0.23 -15.85 10.95
N VAL A 23 -0.53 -16.54 9.85
CA VAL A 23 0.42 -17.48 9.28
C VAL A 23 1.50 -16.77 8.47
N VAL A 24 1.10 -15.83 7.61
CA VAL A 24 2.04 -15.09 6.78
C VAL A 24 2.76 -14.01 7.56
N ASN A 25 2.17 -13.59 8.67
CA ASN A 25 2.74 -12.55 9.50
C ASN A 25 3.90 -13.06 10.36
N GLN A 26 3.64 -14.05 11.20
CA GLN A 26 4.67 -14.61 12.07
C GLN A 26 4.62 -16.14 12.11
N ALA A 27 3.43 -16.70 11.92
CA ALA A 27 3.21 -18.15 11.96
C ALA A 27 3.46 -18.71 13.36
N SER A 28 2.60 -18.31 14.29
CA SER A 28 2.69 -18.78 15.66
C SER A 28 1.58 -19.80 15.92
N HIS A 29 0.99 -19.80 17.12
CA HIS A 29 -0.08 -20.73 17.44
C HIS A 29 -1.40 -20.35 16.76
N VAL A 30 -1.46 -20.60 15.46
CA VAL A 30 -2.64 -20.30 14.66
C VAL A 30 -3.57 -21.48 14.70
N SER A 31 -4.29 -21.61 15.80
CA SER A 31 -5.25 -22.70 16.00
C SER A 31 -4.58 -24.08 16.10
N ALA A 32 -3.55 -24.31 15.27
CA ALA A 32 -2.86 -25.59 15.19
C ALA A 32 -3.81 -26.61 14.56
N LYS A 33 -4.92 -26.07 14.05
CA LYS A 33 -5.96 -26.85 13.42
C LYS A 33 -6.40 -26.21 12.11
N THR A 34 -6.47 -24.87 12.09
CA THR A 34 -6.86 -24.18 10.87
C THR A 34 -5.66 -23.54 10.18
N ARG A 35 -4.47 -23.77 10.73
CA ARG A 35 -3.23 -23.24 10.17
C ARG A 35 -3.03 -23.75 8.74
N GLU A 36 -3.00 -25.08 8.60
CA GLU A 36 -2.82 -25.71 7.30
C GLU A 36 -3.99 -25.39 6.40
N LYS A 37 -5.18 -25.35 7.00
CA LYS A 37 -6.40 -25.01 6.28
C LYS A 37 -6.26 -23.69 5.55
N VAL A 38 -5.68 -22.71 6.22
CA VAL A 38 -5.47 -21.39 5.65
C VAL A 38 -4.44 -21.46 4.52
N GLU A 39 -3.36 -22.19 4.78
CA GLU A 39 -2.27 -22.36 3.81
C GLU A 39 -2.79 -23.02 2.54
N ALA A 40 -3.43 -24.16 2.70
CA ALA A 40 -3.99 -24.92 1.59
C ALA A 40 -4.98 -24.07 0.80
N ALA A 41 -5.89 -23.42 1.52
CA ALA A 41 -6.92 -22.58 0.91
C ALA A 41 -6.29 -21.41 0.14
N MET A 42 -5.23 -20.85 0.71
CA MET A 42 -4.52 -19.72 0.11
C MET A 42 -3.97 -20.08 -1.26
N ALA A 43 -3.48 -21.28 -1.40
CA ALA A 43 -2.95 -21.74 -2.67
C ALA A 43 -4.08 -22.18 -3.61
N GLU A 44 -5.06 -22.87 -3.06
CA GLU A 44 -6.21 -23.36 -3.83
C GLU A 44 -7.00 -22.23 -4.50
N LEU A 45 -7.44 -21.27 -3.71
CA LEU A 45 -8.24 -20.16 -4.22
C LEU A 45 -7.40 -19.08 -4.88
N ASN A 46 -6.08 -19.15 -4.67
CA ASN A 46 -5.13 -18.16 -5.19
C ASN A 46 -5.27 -16.87 -4.40
N TYR A 47 -4.29 -16.62 -3.56
CA TYR A 47 -4.29 -15.44 -2.71
C TYR A 47 -2.87 -14.88 -2.58
N ILE A 48 -2.74 -13.59 -2.78
CA ILE A 48 -1.44 -12.94 -2.72
C ILE A 48 -1.42 -11.89 -1.60
N PRO A 49 -0.73 -12.19 -0.48
CA PRO A 49 -0.60 -11.26 0.66
C PRO A 49 0.19 -9.99 0.34
N ASN A 50 0.32 -9.66 -0.95
CA ASN A 50 1.04 -8.48 -1.40
C ASN A 50 2.51 -8.54 -0.97
N ARG A 51 3.24 -7.47 -1.22
CA ARG A 51 4.65 -7.40 -0.85
C ARG A 51 4.94 -6.21 0.03
N CYS A 52 4.21 -5.13 -0.19
CA CYS A 52 4.42 -3.90 0.58
C CYS A 52 3.17 -3.47 1.33
N ALA A 53 2.09 -4.23 1.20
CA ALA A 53 0.83 -3.88 1.89
C ALA A 53 0.99 -4.07 3.40
N GLN A 54 1.82 -5.03 3.78
CA GLN A 54 2.07 -5.31 5.18
C GLN A 54 3.18 -4.43 5.73
N GLN A 55 3.62 -3.48 4.93
CA GLN A 55 4.70 -2.59 5.32
C GLN A 55 4.24 -1.13 5.35
N LEU A 56 2.98 -0.91 5.68
CA LEU A 56 2.41 0.43 5.72
C LEU A 56 2.00 0.82 7.12
N ALA A 57 1.62 -0.16 7.93
CA ALA A 57 1.20 0.09 9.31
C ALA A 57 2.12 -0.59 10.31
N GLY A 58 3.34 -0.86 9.89
CA GLY A 58 4.31 -1.49 10.73
C GLY A 58 5.34 -2.25 9.92
N LYS A 59 6.54 -2.38 10.46
CA LYS A 59 7.62 -3.11 9.79
C LYS A 59 7.93 -4.41 10.52
N GLN A 60 7.39 -4.53 11.73
CA GLN A 60 7.59 -5.70 12.59
C GLN A 60 9.09 -5.99 12.79
N SER A 61 9.59 -7.03 12.12
CA SER A 61 11.00 -7.39 12.22
C SER A 61 11.76 -6.79 11.05
N LEU A 62 11.96 -5.48 11.15
CA LEU A 62 12.65 -4.70 10.12
C LEU A 62 11.94 -4.81 8.78
N MET B 1 13.57 9.32 11.67
CA MET B 1 12.89 8.94 10.43
C MET B 1 13.89 8.35 9.43
N LYS B 2 13.40 7.52 8.52
CA LYS B 2 14.25 6.89 7.52
C LYS B 2 13.68 7.05 6.11
N PRO B 3 12.42 6.62 5.85
CA PRO B 3 11.82 6.72 4.51
C PRO B 3 11.19 8.08 4.22
N VAL B 4 10.89 8.30 2.95
CA VAL B 4 10.27 9.53 2.48
C VAL B 4 8.73 9.34 2.36
N THR B 5 8.00 10.43 2.19
CA THR B 5 6.55 10.38 2.08
C THR B 5 6.07 11.57 1.31
N LEU B 6 4.85 11.53 0.79
CA LEU B 6 4.33 12.63 0.00
C LEU B 6 3.98 13.82 0.88
N TYR B 7 3.72 13.55 2.15
CA TYR B 7 3.37 14.60 3.10
C TYR B 7 4.55 15.57 3.28
N ASP B 8 5.75 15.06 3.08
CA ASP B 8 6.96 15.87 3.22
C ASP B 8 6.97 17.00 2.21
N VAL B 9 6.91 16.65 0.93
CA VAL B 9 6.91 17.62 -0.14
C VAL B 9 5.66 18.49 -0.10
N ALA B 10 4.55 17.89 0.32
CA ALA B 10 3.30 18.60 0.40
C ALA B 10 3.35 19.74 1.42
N GLU B 11 3.83 19.43 2.61
CA GLU B 11 3.94 20.43 3.67
C GLU B 11 5.02 21.47 3.37
N TYR B 12 6.09 21.02 2.73
CA TYR B 12 7.20 21.93 2.39
C TYR B 12 6.77 22.98 1.38
N ALA B 13 6.05 22.55 0.36
CA ALA B 13 5.59 23.44 -0.69
C ALA B 13 4.30 24.16 -0.31
N GLY B 14 3.57 23.62 0.66
CA GLY B 14 2.32 24.23 1.04
C GLY B 14 1.29 24.06 -0.04
N VAL B 15 1.33 22.90 -0.72
CA VAL B 15 0.39 22.62 -1.80
C VAL B 15 -0.83 21.87 -1.27
N SER B 16 -1.89 21.86 -2.07
CA SER B 16 -3.13 21.21 -1.67
C SER B 16 -3.14 19.74 -2.10
N TYR B 17 -1.97 19.09 -2.09
CA TYR B 17 -1.81 17.66 -2.45
C TYR B 17 -2.09 17.40 -3.93
N GLN B 18 -3.19 17.94 -4.45
CA GLN B 18 -3.58 17.77 -5.85
C GLN B 18 -2.58 18.45 -6.80
N THR B 19 -1.88 19.44 -6.29
CA THR B 19 -0.92 20.17 -7.09
C THR B 19 0.32 19.34 -7.45
N VAL B 20 0.81 18.53 -6.53
CA VAL B 20 2.00 17.73 -6.78
C VAL B 20 1.68 16.41 -7.50
N SER B 21 0.55 15.81 -7.19
CA SER B 21 0.16 14.55 -7.82
C SER B 21 -0.05 14.71 -9.33
N ARG B 22 -0.54 15.87 -9.73
CA ARG B 22 -0.81 16.15 -11.14
C ARG B 22 0.46 16.42 -11.93
N VAL B 23 1.43 17.11 -11.33
CA VAL B 23 2.66 17.42 -12.04
C VAL B 23 3.44 16.14 -12.34
N VAL B 24 3.36 15.18 -11.44
CA VAL B 24 4.04 13.91 -11.63
C VAL B 24 3.21 13.00 -12.54
N ASN B 25 1.88 13.17 -12.51
CA ASN B 25 1.00 12.34 -13.33
C ASN B 25 0.63 13.03 -14.64
N GLN B 26 -0.36 13.93 -14.59
CA GLN B 26 -0.81 14.64 -15.77
C GLN B 26 -1.44 15.99 -15.40
N ALA B 27 -0.60 17.01 -15.32
CA ALA B 27 -1.05 18.36 -14.98
C ALA B 27 -1.97 18.90 -16.07
N SER B 28 -3.25 19.04 -15.74
CA SER B 28 -4.22 19.53 -16.69
C SER B 28 -4.74 20.92 -16.32
N HIS B 29 -5.08 21.12 -15.06
CA HIS B 29 -5.60 22.41 -14.63
C HIS B 29 -4.84 22.95 -13.42
N VAL B 30 -3.55 23.19 -13.59
CA VAL B 30 -2.72 23.71 -12.52
C VAL B 30 -2.21 25.08 -12.96
N SER B 31 -2.60 26.12 -12.23
CA SER B 31 -2.18 27.47 -12.57
C SER B 31 -0.66 27.61 -12.49
N ALA B 32 -0.09 28.41 -13.39
CA ALA B 32 1.35 28.64 -13.43
C ALA B 32 1.89 29.06 -12.07
N LYS B 33 1.07 29.78 -11.30
CA LYS B 33 1.46 30.26 -9.98
C LYS B 33 1.85 29.10 -9.06
N THR B 34 0.96 28.13 -8.90
CA THR B 34 1.22 26.99 -8.04
C THR B 34 2.05 25.93 -8.77
N ARG B 35 2.13 26.08 -10.09
CA ARG B 35 2.87 25.16 -10.93
C ARG B 35 4.37 25.24 -10.68
N GLU B 36 4.84 26.36 -10.17
CA GLU B 36 6.25 26.52 -9.88
C GLU B 36 6.56 26.04 -8.47
N LYS B 37 5.59 26.20 -7.58
CA LYS B 37 5.73 25.79 -6.18
C LYS B 37 5.98 24.29 -6.03
N VAL B 38 5.49 23.51 -7.00
CA VAL B 38 5.66 22.06 -6.97
C VAL B 38 7.09 21.66 -7.29
N GLU B 39 7.75 22.44 -8.14
CA GLU B 39 9.11 22.15 -8.54
C GLU B 39 10.05 22.22 -7.36
N ALA B 40 9.91 23.27 -6.56
CA ALA B 40 10.74 23.45 -5.38
C ALA B 40 10.62 22.26 -4.44
N ALA B 41 9.41 21.76 -4.30
CA ALA B 41 9.15 20.63 -3.42
C ALA B 41 9.75 19.33 -3.94
N MET B 42 9.38 18.96 -5.16
CA MET B 42 9.86 17.70 -5.76
C MET B 42 11.39 17.67 -5.93
N ALA B 43 12.00 18.82 -6.12
CA ALA B 43 13.44 18.90 -6.32
C ALA B 43 14.21 18.99 -5.01
N GLU B 44 13.68 19.73 -4.05
CA GLU B 44 14.36 19.91 -2.77
C GLU B 44 14.43 18.62 -1.98
N LEU B 45 13.32 17.93 -1.86
CA LEU B 45 13.27 16.68 -1.11
C LEU B 45 13.45 15.46 -2.00
N ASN B 46 13.55 15.71 -3.29
CA ASN B 46 13.74 14.63 -4.28
C ASN B 46 12.62 13.58 -4.18
N TYR B 47 11.41 13.96 -4.52
CA TYR B 47 10.28 13.02 -4.47
C TYR B 47 10.45 11.89 -5.46
N ILE B 48 10.49 10.67 -4.95
CA ILE B 48 10.61 9.48 -5.77
C ILE B 48 9.35 8.63 -5.58
N PRO B 49 8.64 8.34 -6.68
CA PRO B 49 7.42 7.52 -6.64
C PRO B 49 7.68 6.16 -6.00
N ASN B 50 7.38 6.05 -4.71
CA ASN B 50 7.60 4.82 -3.97
C ASN B 50 6.47 3.84 -4.17
N ARG B 51 6.78 2.68 -4.73
CA ARG B 51 5.77 1.68 -4.95
C ARG B 51 5.50 0.91 -3.68
N CYS B 52 4.38 1.24 -3.08
CA CYS B 52 3.94 0.61 -1.84
C CYS B 52 2.49 1.00 -1.63
N ALA B 53 2.27 2.23 -1.21
CA ALA B 53 0.92 2.73 -0.97
C ALA B 53 0.28 3.22 -2.28
N GLN B 54 0.99 3.01 -3.39
CA GLN B 54 0.51 3.43 -4.69
C GLN B 54 -0.33 2.32 -5.29
N GLN B 55 0.22 1.12 -5.20
CA GLN B 55 -0.44 -0.06 -5.70
C GLN B 55 -1.62 -0.40 -4.79
N LEU B 56 -1.40 -0.24 -3.49
CA LEU B 56 -2.41 -0.49 -2.48
C LEU B 56 -3.60 0.44 -2.65
N ALA B 57 -3.37 1.61 -3.21
CA ALA B 57 -4.44 2.59 -3.39
C ALA B 57 -5.43 2.15 -4.48
N GLY B 58 -5.09 1.10 -5.21
CA GLY B 58 -5.98 0.60 -6.23
C GLY B 58 -5.26 0.28 -7.52
N LYS B 59 -4.46 1.22 -8.01
CA LYS B 59 -3.72 1.02 -9.25
C LYS B 59 -2.46 0.22 -8.97
N GLN B 60 -2.61 -1.10 -9.03
CA GLN B 60 -1.52 -2.03 -8.78
C GLN B 60 -0.39 -1.84 -9.78
N SER B 61 -0.61 -2.30 -10.99
CA SER B 61 0.39 -2.18 -12.05
C SER B 61 -0.30 -2.12 -13.41
N LEU B 62 -1.57 -1.71 -13.41
CA LEU B 62 -2.36 -1.64 -14.62
C LEU B 62 -2.90 -0.23 -14.83
N MET A 1 -10.57 -15.77 -8.68
CA MET A 1 -11.12 -15.00 -9.84
C MET A 1 -10.76 -13.53 -9.72
N LYS A 2 -11.42 -12.82 -8.81
CA LYS A 2 -11.16 -11.40 -8.61
C LYS A 2 -10.00 -11.23 -7.63
N PRO A 3 -9.26 -10.12 -7.70
CA PRO A 3 -8.15 -9.84 -6.77
C PRO A 3 -8.64 -9.75 -5.34
N VAL A 4 -8.65 -10.89 -4.67
CA VAL A 4 -9.10 -10.97 -3.32
C VAL A 4 -7.91 -10.87 -2.40
N THR A 5 -8.21 -10.66 -1.13
CA THR A 5 -7.19 -10.54 -0.10
C THR A 5 -7.73 -10.99 1.25
N LEU A 6 -7.00 -10.73 2.35
CA LEU A 6 -7.44 -11.14 3.69
C LEU A 6 -8.85 -10.65 4.07
N TYR A 7 -9.44 -9.78 3.26
CA TYR A 7 -10.77 -9.29 3.54
C TYR A 7 -11.81 -10.32 3.08
N ASP A 8 -11.61 -10.80 1.86
CA ASP A 8 -12.52 -11.76 1.24
C ASP A 8 -12.20 -13.20 1.65
N VAL A 9 -10.92 -13.56 1.51
CA VAL A 9 -10.46 -14.91 1.85
C VAL A 9 -10.84 -15.28 3.28
N ALA A 10 -10.84 -14.29 4.17
CA ALA A 10 -11.18 -14.51 5.56
C ALA A 10 -12.60 -15.04 5.68
N GLU A 11 -13.57 -14.29 5.14
CA GLU A 11 -14.97 -14.70 5.21
C GLU A 11 -15.15 -16.06 4.55
N TYR A 12 -14.44 -16.27 3.43
CA TYR A 12 -14.50 -17.53 2.72
C TYR A 12 -14.10 -18.68 3.64
N ALA A 13 -12.91 -18.59 4.24
CA ALA A 13 -12.42 -19.64 5.13
C ALA A 13 -13.19 -19.68 6.45
N GLY A 14 -13.88 -18.60 6.79
CA GLY A 14 -14.64 -18.60 8.03
C GLY A 14 -13.87 -18.00 9.17
N VAL A 15 -12.88 -17.18 8.86
CA VAL A 15 -12.06 -16.55 9.88
C VAL A 15 -11.92 -15.05 9.62
N SER A 16 -11.01 -14.41 10.33
CA SER A 16 -10.75 -13.01 10.16
C SER A 16 -9.38 -12.82 9.53
N TYR A 17 -8.98 -11.57 9.30
CA TYR A 17 -7.71 -11.29 8.68
C TYR A 17 -6.53 -11.40 9.66
N GLN A 18 -6.83 -11.59 10.94
CA GLN A 18 -5.79 -11.73 11.95
C GLN A 18 -5.17 -13.11 11.85
N THR A 19 -5.99 -14.08 11.51
CA THR A 19 -5.53 -15.45 11.37
C THR A 19 -4.61 -15.55 10.15
N VAL A 20 -5.01 -14.91 9.06
CA VAL A 20 -4.23 -14.92 7.84
C VAL A 20 -2.88 -14.25 8.08
N SER A 21 -2.90 -13.14 8.82
CA SER A 21 -1.68 -12.41 9.18
C SER A 21 -0.68 -13.35 9.88
N ARG A 22 -1.19 -14.32 10.61
CA ARG A 22 -0.33 -15.25 11.33
C ARG A 22 0.19 -16.35 10.39
N VAL A 23 -0.62 -16.72 9.41
CA VAL A 23 -0.24 -17.75 8.45
C VAL A 23 0.86 -17.27 7.53
N VAL A 24 0.83 -15.99 7.18
CA VAL A 24 1.81 -15.43 6.28
C VAL A 24 3.11 -15.11 7.02
N ASN A 25 2.99 -14.97 8.33
CA ASN A 25 4.13 -14.62 9.16
C ASN A 25 4.84 -15.85 9.72
N GLN A 26 4.11 -16.70 10.42
CA GLN A 26 4.70 -17.88 11.03
C GLN A 26 4.09 -19.19 10.50
N ALA A 27 2.76 -19.23 10.46
CA ALA A 27 2.03 -20.42 10.01
C ALA A 27 2.30 -21.61 10.93
N SER A 28 2.60 -21.32 12.17
CA SER A 28 2.92 -22.34 13.17
C SER A 28 1.64 -22.82 13.87
N HIS A 29 1.17 -22.05 14.83
CA HIS A 29 -0.03 -22.42 15.57
C HIS A 29 -1.27 -21.83 14.93
N VAL A 30 -1.84 -22.56 14.00
CA VAL A 30 -3.05 -22.12 13.33
C VAL A 30 -4.14 -23.17 13.46
N SER A 31 -4.84 -23.12 14.60
CA SER A 31 -5.93 -24.04 14.91
C SER A 31 -5.48 -25.51 15.05
N ALA A 32 -4.32 -25.86 14.46
CA ALA A 32 -3.78 -27.23 14.46
C ALA A 32 -4.57 -28.13 13.50
N LYS A 33 -5.64 -27.59 12.95
CA LYS A 33 -6.51 -28.32 12.03
C LYS A 33 -6.73 -27.54 10.73
N THR A 34 -6.81 -26.22 10.86
CA THR A 34 -7.01 -25.37 9.69
C THR A 34 -5.73 -24.65 9.27
N ARG A 35 -4.62 -25.27 9.58
CA ARG A 35 -3.31 -24.69 9.29
C ARG A 35 -2.93 -24.89 7.82
N GLU A 36 -3.08 -26.11 7.33
CA GLU A 36 -2.72 -26.44 5.97
C GLU A 36 -3.86 -26.04 5.03
N LYS A 37 -5.06 -25.87 5.58
CA LYS A 37 -6.24 -25.51 4.80
C LYS A 37 -6.09 -24.15 4.13
N VAL A 38 -5.62 -23.16 4.88
CA VAL A 38 -5.45 -21.81 4.36
C VAL A 38 -4.53 -21.82 3.14
N GLU A 39 -3.50 -22.66 3.18
CA GLU A 39 -2.52 -22.74 2.08
C GLU A 39 -3.21 -23.07 0.76
N ALA A 40 -4.14 -24.00 0.83
CA ALA A 40 -4.87 -24.44 -0.34
C ALA A 40 -5.93 -23.43 -0.74
N ALA A 41 -6.50 -22.75 0.25
CA ALA A 41 -7.55 -21.78 0.00
C ALA A 41 -7.00 -20.58 -0.76
N MET A 42 -5.81 -20.13 -0.39
CA MET A 42 -5.18 -18.98 -1.05
C MET A 42 -4.95 -19.26 -2.54
N ALA A 43 -4.52 -20.46 -2.83
CA ALA A 43 -4.26 -20.86 -4.21
C ALA A 43 -5.56 -21.08 -4.99
N GLU A 44 -6.60 -21.48 -4.27
CA GLU A 44 -7.89 -21.76 -4.86
C GLU A 44 -8.64 -20.50 -5.31
N LEU A 45 -8.64 -19.46 -4.46
CA LEU A 45 -9.33 -18.21 -4.81
C LEU A 45 -8.41 -17.28 -5.59
N ASN A 46 -7.13 -17.59 -5.54
CA ASN A 46 -6.10 -16.78 -6.19
C ASN A 46 -5.91 -15.51 -5.37
N TYR A 47 -4.95 -15.57 -4.46
CA TYR A 47 -4.67 -14.46 -3.58
C TYR A 47 -3.17 -14.26 -3.43
N ILE A 48 -2.76 -12.99 -3.43
CA ILE A 48 -1.37 -12.62 -3.28
C ILE A 48 -1.21 -11.65 -2.10
N PRO A 49 -0.50 -12.07 -1.03
CA PRO A 49 -0.26 -11.23 0.17
C PRO A 49 0.56 -9.96 -0.08
N ASN A 50 0.53 -9.46 -1.31
CA ASN A 50 1.24 -8.24 -1.70
C ASN A 50 2.74 -8.29 -1.48
N ARG A 51 3.44 -7.31 -2.02
CA ARG A 51 4.86 -7.18 -1.84
C ARG A 51 5.11 -5.91 -1.05
N CYS A 52 4.13 -5.05 -1.11
CA CYS A 52 4.17 -3.81 -0.40
C CYS A 52 2.86 -3.70 0.37
N ALA A 53 2.97 -3.66 1.69
CA ALA A 53 1.80 -3.61 2.58
C ALA A 53 2.22 -3.59 4.03
N GLN A 54 3.05 -4.57 4.40
CA GLN A 54 3.55 -4.74 5.77
C GLN A 54 4.44 -3.57 6.19
N GLN A 55 4.87 -2.77 5.22
CA GLN A 55 5.75 -1.65 5.48
C GLN A 55 4.95 -0.38 5.71
N LEU A 56 3.67 -0.55 6.01
CA LEU A 56 2.82 0.60 6.26
C LEU A 56 2.02 0.42 7.54
N ALA A 57 2.38 -0.60 8.31
CA ALA A 57 1.69 -0.86 9.57
C ALA A 57 2.66 -1.40 10.60
N GLY A 58 2.49 -0.97 11.84
CA GLY A 58 3.35 -1.43 12.90
C GLY A 58 3.41 -0.44 14.05
N LYS A 59 2.46 -0.55 14.95
CA LYS A 59 2.41 0.35 16.11
C LYS A 59 2.27 -0.47 17.37
N GLN A 60 3.03 -0.12 18.38
CA GLN A 60 2.98 -0.82 19.65
C GLN A 60 2.51 0.12 20.74
N SER A 61 1.71 -0.39 21.66
CA SER A 61 1.21 0.42 22.76
C SER A 61 2.34 0.82 23.69
N LEU A 62 3.17 -0.15 24.06
CA LEU A 62 4.30 0.09 24.94
C LEU A 62 5.46 -0.81 24.57
N MET B 1 14.29 8.20 3.87
CA MET B 1 15.45 7.45 3.38
C MET B 1 15.88 7.97 2.02
N LYS B 2 14.89 8.38 1.24
CA LYS B 2 15.11 8.92 -0.10
C LYS B 2 13.81 9.53 -0.66
N PRO B 3 12.69 8.77 -0.73
CA PRO B 3 11.42 9.32 -1.20
C PRO B 3 10.79 10.22 -0.15
N VAL B 4 9.76 10.94 -0.55
CA VAL B 4 9.07 11.85 0.32
C VAL B 4 7.58 11.82 0.05
N THR B 5 6.81 11.93 1.11
CA THR B 5 5.37 11.94 0.99
C THR B 5 4.88 13.16 0.24
N LEU B 6 3.64 13.10 -0.24
CA LEU B 6 3.05 14.21 -0.96
C LEU B 6 2.72 15.37 -0.03
N TYR B 7 2.76 15.10 1.28
CA TYR B 7 2.51 16.14 2.27
C TYR B 7 3.71 17.09 2.28
N ASP B 8 4.90 16.49 2.11
CA ASP B 8 6.15 17.25 2.08
C ASP B 8 6.12 18.22 0.93
N VAL B 9 5.78 17.67 -0.24
CA VAL B 9 5.69 18.45 -1.47
C VAL B 9 4.64 19.55 -1.36
N ALA B 10 3.44 19.19 -0.93
CA ALA B 10 2.34 20.14 -0.78
C ALA B 10 2.75 21.31 0.12
N GLU B 11 3.33 20.99 1.28
CA GLU B 11 3.76 22.02 2.23
C GLU B 11 4.89 22.86 1.65
N TYR B 12 5.81 22.19 0.98
CA TYR B 12 6.98 22.84 0.38
C TYR B 12 6.60 23.77 -0.79
N ALA B 13 5.56 23.40 -1.52
CA ALA B 13 5.14 24.18 -2.68
C ALA B 13 4.04 25.19 -2.31
N GLY B 14 3.38 24.99 -1.15
CA GLY B 14 2.33 25.90 -0.73
C GLY B 14 1.04 25.71 -1.51
N VAL B 15 0.75 24.47 -1.87
CA VAL B 15 -0.45 24.16 -2.65
C VAL B 15 -1.27 23.06 -1.98
N SER B 16 -2.25 22.52 -2.68
CA SER B 16 -3.11 21.49 -2.12
C SER B 16 -2.61 20.08 -2.42
N TYR B 17 -3.24 19.12 -1.74
CA TYR B 17 -2.93 17.69 -1.89
C TYR B 17 -3.40 17.17 -3.24
N GLN B 18 -4.29 17.91 -3.90
CA GLN B 18 -4.78 17.46 -5.21
C GLN B 18 -3.86 17.96 -6.32
N THR B 19 -3.63 19.26 -6.34
CA THR B 19 -2.78 19.89 -7.35
C THR B 19 -1.36 19.29 -7.41
N VAL B 20 -0.86 18.77 -6.29
CA VAL B 20 0.49 18.22 -6.26
C VAL B 20 0.57 16.85 -6.89
N SER B 21 -0.48 16.08 -6.76
CA SER B 21 -0.49 14.72 -7.29
C SER B 21 -0.78 14.70 -8.79
N ARG B 22 -1.65 15.58 -9.24
CA ARG B 22 -2.05 15.64 -10.63
C ARG B 22 -0.94 16.20 -11.53
N VAL B 23 -0.19 17.16 -11.01
CA VAL B 23 0.87 17.83 -11.75
C VAL B 23 2.08 16.93 -11.98
N VAL B 24 2.18 15.87 -11.20
CA VAL B 24 3.30 14.93 -11.33
C VAL B 24 3.37 14.38 -12.76
N ASN B 25 2.33 13.66 -13.16
CA ASN B 25 2.28 13.11 -14.50
C ASN B 25 0.92 12.47 -14.73
N GLN B 26 -0.12 13.08 -14.18
CA GLN B 26 -1.47 12.53 -14.30
C GLN B 26 -2.41 13.50 -15.00
N ALA B 27 -2.12 14.79 -14.88
CA ALA B 27 -2.93 15.82 -15.49
C ALA B 27 -2.08 17.02 -15.92
N SER B 28 -2.46 17.65 -17.03
CA SER B 28 -1.75 18.81 -17.53
C SER B 28 -2.55 20.08 -17.23
N HIS B 29 -3.73 19.88 -16.68
CA HIS B 29 -4.64 20.98 -16.34
C HIS B 29 -4.16 21.77 -15.13
N VAL B 30 -2.86 22.03 -15.06
CA VAL B 30 -2.28 22.79 -13.97
C VAL B 30 -1.58 24.04 -14.49
N SER B 31 -1.76 25.14 -13.80
CA SER B 31 -1.14 26.39 -14.20
C SER B 31 0.38 26.26 -14.14
N ALA B 32 1.06 26.95 -15.03
CA ALA B 32 2.51 26.90 -15.11
C ALA B 32 3.16 27.49 -13.86
N LYS B 33 2.55 28.54 -13.33
CA LYS B 33 3.04 29.22 -12.13
C LYS B 33 2.91 28.32 -10.90
N THR B 34 1.96 27.40 -10.96
CA THR B 34 1.75 26.45 -9.88
C THR B 34 2.63 25.22 -10.08
N ARG B 35 2.85 24.85 -11.33
CA ARG B 35 3.63 23.68 -11.68
C ARG B 35 5.11 23.87 -11.38
N GLU B 36 5.56 25.11 -11.44
CA GLU B 36 6.97 25.39 -11.20
C GLU B 36 7.33 25.18 -9.74
N LYS B 37 6.40 25.51 -8.86
CA LYS B 37 6.59 25.37 -7.41
C LYS B 37 6.60 23.92 -7.00
N VAL B 38 5.66 23.16 -7.52
CA VAL B 38 5.57 21.75 -7.18
C VAL B 38 6.77 20.96 -7.73
N GLU B 39 7.22 21.30 -8.94
CA GLU B 39 8.35 20.61 -9.52
C GLU B 39 9.60 20.91 -8.72
N ALA B 40 9.74 22.15 -8.27
CA ALA B 40 10.87 22.52 -7.44
C ALA B 40 10.88 21.71 -6.16
N ALA B 41 9.70 21.45 -5.62
CA ALA B 41 9.58 20.68 -4.39
C ALA B 41 9.96 19.22 -4.60
N MET B 42 9.43 18.64 -5.65
CA MET B 42 9.72 17.25 -5.95
C MET B 42 11.20 17.05 -6.30
N ALA B 43 11.82 18.06 -6.89
CA ALA B 43 13.22 17.98 -7.31
C ALA B 43 14.19 18.19 -6.13
N GLU B 44 13.81 19.11 -5.25
CA GLU B 44 14.61 19.45 -4.08
C GLU B 44 14.53 18.35 -3.02
N LEU B 45 13.33 17.81 -2.84
CA LEU B 45 13.09 16.76 -1.83
C LEU B 45 13.24 15.35 -2.40
N ASN B 46 13.53 15.27 -3.70
CA ASN B 46 13.72 13.99 -4.38
C ASN B 46 12.48 13.09 -4.25
N TYR B 47 11.35 13.54 -4.77
CA TYR B 47 10.12 12.74 -4.70
C TYR B 47 10.22 11.53 -5.61
N ILE B 48 10.38 10.38 -5.01
CA ILE B 48 10.42 9.13 -5.74
C ILE B 48 9.14 8.38 -5.45
N PRO B 49 8.45 7.87 -6.49
CA PRO B 49 7.19 7.13 -6.33
C PRO B 49 7.25 6.14 -5.17
N ASN B 50 6.66 6.55 -4.05
CA ASN B 50 6.64 5.78 -2.82
C ASN B 50 5.72 4.57 -2.93
N ARG B 51 6.30 3.40 -2.77
CA ARG B 51 5.53 2.17 -2.83
C ARG B 51 4.91 1.92 -1.47
N CYS B 52 4.17 0.83 -1.32
CA CYS B 52 3.51 0.54 -0.05
C CYS B 52 2.55 1.65 0.29
N ALA B 53 1.78 2.01 -0.72
CA ALA B 53 0.81 3.07 -0.62
C ALA B 53 0.26 3.38 -2.00
N GLN B 54 1.07 3.07 -3.01
CA GLN B 54 0.68 3.28 -4.41
C GLN B 54 -0.03 2.02 -4.94
N GLN B 55 0.44 0.88 -4.48
CA GLN B 55 -0.13 -0.39 -4.85
C GLN B 55 -1.30 -0.69 -3.93
N LEU B 56 -1.34 0.03 -2.84
CA LEU B 56 -2.39 -0.13 -1.82
C LEU B 56 -3.56 0.79 -2.12
N ALA B 57 -3.26 1.99 -2.66
CA ALA B 57 -4.30 2.96 -2.97
C ALA B 57 -5.07 2.54 -4.20
N GLY B 58 -4.40 1.79 -5.05
CA GLY B 58 -5.01 1.29 -6.26
C GLY B 58 -4.20 0.18 -6.88
N LYS B 59 -3.68 0.43 -8.07
CA LYS B 59 -2.88 -0.57 -8.78
C LYS B 59 -1.79 0.10 -9.60
N GLN B 60 -0.91 0.84 -8.95
CA GLN B 60 0.17 1.52 -9.66
C GLN B 60 1.52 0.83 -9.46
N SER B 61 1.48 -0.42 -8.99
CA SER B 61 2.70 -1.20 -8.76
C SER B 61 2.34 -2.68 -8.66
N LEU B 62 3.35 -3.55 -8.75
CA LEU B 62 3.13 -4.99 -8.69
C LEU B 62 4.41 -5.72 -8.29
N MET A 1 -9.23 -13.42 -11.76
CA MET A 1 -8.82 -13.30 -10.34
C MET A 1 -8.16 -11.95 -10.07
N LYS A 2 -8.54 -11.34 -8.96
CA LYS A 2 -7.99 -10.05 -8.54
C LYS A 2 -7.53 -10.17 -7.10
N PRO A 3 -6.35 -9.63 -6.77
CA PRO A 3 -5.80 -9.65 -5.41
C PRO A 3 -6.80 -9.21 -4.37
N VAL A 4 -7.46 -10.18 -3.78
CA VAL A 4 -8.41 -9.92 -2.76
C VAL A 4 -7.70 -9.86 -1.41
N THR A 5 -8.45 -9.62 -0.37
CA THR A 5 -7.89 -9.53 0.96
C THR A 5 -8.27 -10.75 1.79
N LEU A 6 -7.54 -10.99 2.88
CA LEU A 6 -7.82 -12.12 3.76
C LEU A 6 -9.27 -12.15 4.25
N TYR A 7 -10.02 -11.06 4.08
CA TYR A 7 -11.43 -11.04 4.48
C TYR A 7 -12.25 -12.00 3.58
N ASP A 8 -11.82 -12.12 2.33
CA ASP A 8 -12.48 -12.99 1.36
C ASP A 8 -12.14 -14.46 1.62
N VAL A 9 -10.86 -14.72 1.72
CA VAL A 9 -10.34 -16.07 1.96
C VAL A 9 -10.86 -16.62 3.29
N ALA A 10 -10.96 -15.75 4.29
CA ALA A 10 -11.43 -16.16 5.61
C ALA A 10 -12.83 -16.76 5.53
N GLU A 11 -13.72 -16.13 4.77
CA GLU A 11 -15.08 -16.61 4.62
C GLU A 11 -15.08 -18.00 4.00
N TYR A 12 -14.23 -18.18 3.00
CA TYR A 12 -14.11 -19.45 2.32
C TYR A 12 -13.57 -20.53 3.28
N ALA A 13 -12.72 -20.14 4.22
CA ALA A 13 -12.16 -21.08 5.18
C ALA A 13 -13.14 -21.36 6.33
N GLY A 14 -14.11 -20.49 6.51
CA GLY A 14 -15.08 -20.63 7.58
C GLY A 14 -14.61 -20.06 8.90
N VAL A 15 -13.66 -19.12 8.85
CA VAL A 15 -13.12 -18.48 10.06
C VAL A 15 -12.90 -17.00 9.84
N SER A 16 -12.28 -16.34 10.82
CA SER A 16 -11.99 -14.92 10.69
C SER A 16 -10.67 -14.69 9.97
N TYR A 17 -10.50 -13.48 9.43
CA TYR A 17 -9.31 -13.13 8.69
C TYR A 17 -8.04 -13.21 9.52
N GLN A 18 -8.19 -13.21 10.84
CA GLN A 18 -7.03 -13.29 11.72
C GLN A 18 -6.43 -14.71 11.64
N THR A 19 -7.24 -15.68 11.24
CA THR A 19 -6.77 -17.05 11.11
C THR A 19 -5.97 -17.21 9.82
N VAL A 20 -6.36 -16.44 8.80
CA VAL A 20 -5.68 -16.46 7.52
C VAL A 20 -4.39 -15.64 7.64
N SER A 21 -4.45 -14.55 8.42
CA SER A 21 -3.29 -13.69 8.66
C SER A 21 -2.33 -14.38 9.62
N ARG A 22 -2.83 -15.40 10.31
CA ARG A 22 -2.03 -16.14 11.28
C ARG A 22 -1.01 -17.07 10.62
N VAL A 23 -1.42 -17.76 9.56
CA VAL A 23 -0.52 -18.69 8.88
C VAL A 23 0.54 -17.98 8.04
N VAL A 24 0.35 -16.71 7.74
CA VAL A 24 1.32 -15.98 6.94
C VAL A 24 2.42 -15.36 7.81
N ASN A 25 2.03 -14.89 8.98
CA ASN A 25 2.98 -14.24 9.89
C ASN A 25 3.56 -15.19 10.93
N GLN A 26 2.77 -16.17 11.37
CA GLN A 26 3.23 -17.10 12.39
C GLN A 26 3.22 -18.53 11.86
N ALA A 27 2.02 -19.01 11.48
CA ALA A 27 1.85 -20.39 10.96
C ALA A 27 2.13 -21.44 12.02
N SER A 28 1.99 -21.08 13.29
CA SER A 28 2.24 -22.01 14.37
C SER A 28 0.98 -22.27 15.18
N HIS A 29 0.47 -21.24 15.86
CA HIS A 29 -0.73 -21.39 16.69
C HIS A 29 -1.99 -21.05 15.90
N VAL A 30 -2.37 -21.94 15.00
CA VAL A 30 -3.58 -21.76 14.20
C VAL A 30 -4.52 -22.95 14.40
N SER A 31 -4.67 -23.37 15.67
CA SER A 31 -5.55 -24.50 16.02
C SER A 31 -5.05 -25.82 15.45
N ALA A 32 -3.90 -25.76 14.76
CA ALA A 32 -3.27 -26.93 14.12
C ALA A 32 -4.07 -27.43 12.93
N LYS A 33 -5.35 -27.70 13.14
CA LYS A 33 -6.25 -28.21 12.12
C LYS A 33 -6.50 -27.20 11.02
N THR A 34 -6.86 -25.98 11.41
CA THR A 34 -7.16 -24.91 10.45
C THR A 34 -5.90 -24.37 9.78
N ARG A 35 -4.78 -24.69 10.36
CA ARG A 35 -3.48 -24.22 9.83
C ARG A 35 -3.32 -24.53 8.37
N GLU A 36 -3.57 -25.78 8.02
CA GLU A 36 -3.44 -26.23 6.64
C GLU A 36 -4.63 -25.81 5.80
N LYS A 37 -5.81 -25.72 6.43
CA LYS A 37 -7.05 -25.33 5.74
C LYS A 37 -6.90 -24.01 4.98
N VAL A 38 -6.51 -22.96 5.69
CA VAL A 38 -6.38 -21.66 5.10
C VAL A 38 -5.26 -21.60 4.05
N GLU A 39 -4.25 -22.44 4.21
CA GLU A 39 -3.16 -22.49 3.25
C GLU A 39 -3.64 -23.07 1.92
N ALA A 40 -4.49 -24.08 2.00
CA ALA A 40 -5.02 -24.73 0.81
C ALA A 40 -5.99 -23.81 0.07
N ALA A 41 -6.85 -23.15 0.82
CA ALA A 41 -7.84 -22.26 0.23
C ALA A 41 -7.18 -21.04 -0.42
N MET A 42 -6.15 -20.52 0.23
CA MET A 42 -5.44 -19.34 -0.27
C MET A 42 -4.74 -19.63 -1.62
N ALA A 43 -4.24 -20.84 -1.81
CA ALA A 43 -3.58 -21.20 -3.06
C ALA A 43 -4.62 -21.54 -4.11
N GLU A 44 -5.70 -22.16 -3.65
CA GLU A 44 -6.83 -22.53 -4.52
C GLU A 44 -7.43 -21.30 -5.19
N LEU A 45 -7.56 -20.22 -4.45
CA LEU A 45 -8.13 -19.00 -4.96
C LEU A 45 -7.07 -18.09 -5.60
N ASN A 46 -5.83 -18.58 -5.70
CA ASN A 46 -4.72 -17.81 -6.29
C ASN A 46 -4.50 -16.51 -5.50
N TYR A 47 -4.76 -16.59 -4.21
CA TYR A 47 -4.64 -15.44 -3.31
C TYR A 47 -3.16 -15.11 -3.05
N ILE A 48 -2.86 -13.83 -2.94
CA ILE A 48 -1.49 -13.35 -2.70
C ILE A 48 -1.52 -12.27 -1.63
N PRO A 49 -1.00 -12.56 -0.42
CA PRO A 49 -0.98 -11.58 0.71
C PRO A 49 -0.08 -10.37 0.45
N ASN A 50 0.20 -10.10 -0.82
CA ASN A 50 1.04 -8.97 -1.23
C ASN A 50 2.38 -9.03 -0.50
N ARG A 51 2.95 -7.86 -0.29
CA ARG A 51 4.22 -7.70 0.42
C ARG A 51 4.45 -6.22 0.68
N CYS A 52 4.06 -5.39 -0.28
CA CYS A 52 4.19 -3.95 -0.14
C CYS A 52 3.07 -3.43 0.76
N ALA A 53 1.93 -4.11 0.73
CA ALA A 53 0.77 -3.74 1.55
C ALA A 53 1.06 -3.97 3.04
N GLN A 54 1.94 -4.92 3.34
CA GLN A 54 2.29 -5.25 4.72
C GLN A 54 3.14 -4.13 5.33
N GLN A 55 3.60 -3.22 4.49
CA GLN A 55 4.43 -2.12 4.94
C GLN A 55 3.61 -0.83 5.03
N LEU A 56 2.32 -0.99 5.26
CA LEU A 56 1.43 0.16 5.40
C LEU A 56 0.45 -0.10 6.53
N ALA A 57 0.98 -0.29 7.73
CA ALA A 57 0.18 -0.53 8.91
C ALA A 57 0.99 -0.28 10.17
N GLY A 58 0.30 0.07 11.25
CA GLY A 58 0.97 0.32 12.49
C GLY A 58 1.38 1.76 12.69
N LYS A 59 1.01 2.31 13.82
CA LYS A 59 1.35 3.70 14.12
C LYS A 59 2.77 3.80 14.59
N GLN A 60 3.55 4.66 13.95
CA GLN A 60 4.94 4.86 14.32
C GLN A 60 5.08 5.95 15.37
N SER A 61 4.52 5.70 16.54
CA SER A 61 4.55 6.66 17.64
C SER A 61 5.95 6.74 18.25
N LEU A 62 6.74 5.71 18.02
CA LEU A 62 8.10 5.65 18.53
C LEU A 62 9.05 5.24 17.40
N MET B 1 12.89 0.39 -1.23
CA MET B 1 14.15 0.37 -0.50
C MET B 1 14.35 1.68 0.24
N LYS B 2 14.05 2.78 -0.44
CA LYS B 2 14.18 4.11 0.15
C LYS B 2 12.82 4.76 0.27
N PRO B 3 12.40 5.14 1.48
CA PRO B 3 11.12 5.77 1.70
C PRO B 3 11.14 7.28 1.45
N VAL B 4 9.96 7.82 1.16
CA VAL B 4 9.77 9.22 0.92
C VAL B 4 8.28 9.52 0.89
N THR B 5 7.76 9.91 2.05
CA THR B 5 6.36 10.26 2.21
C THR B 5 5.97 11.51 1.42
N LEU B 6 4.78 11.45 0.81
CA LEU B 6 4.26 12.57 0.04
C LEU B 6 4.03 13.77 0.95
N TYR B 7 3.67 13.50 2.21
CA TYR B 7 3.47 14.57 3.19
C TYR B 7 4.74 15.42 3.28
N ASP B 8 5.89 14.75 3.26
CA ASP B 8 7.19 15.42 3.32
C ASP B 8 7.32 16.43 2.18
N VAL B 9 7.04 15.95 0.98
CA VAL B 9 7.10 16.76 -0.22
C VAL B 9 6.03 17.87 -0.22
N ALA B 10 4.79 17.50 0.06
CA ALA B 10 3.68 18.45 0.08
C ALA B 10 3.87 19.53 1.11
N GLU B 11 4.41 19.16 2.27
CA GLU B 11 4.65 20.13 3.33
C GLU B 11 5.64 21.19 2.86
N TYR B 12 6.71 20.73 2.20
CA TYR B 12 7.72 21.63 1.68
C TYR B 12 7.17 22.54 0.59
N ALA B 13 6.23 22.03 -0.19
CA ALA B 13 5.64 22.79 -1.28
C ALA B 13 4.53 23.74 -0.79
N GLY B 14 3.98 23.46 0.39
CA GLY B 14 2.92 24.28 0.95
C GLY B 14 1.71 24.36 0.05
N VAL B 15 1.37 23.26 -0.59
CA VAL B 15 0.22 23.23 -1.50
C VAL B 15 -0.66 22.02 -1.19
N SER B 16 -1.63 21.76 -2.05
CA SER B 16 -2.53 20.64 -1.87
C SER B 16 -1.85 19.33 -2.28
N TYR B 17 -2.55 18.23 -2.04
CA TYR B 17 -2.03 16.90 -2.36
C TYR B 17 -2.23 16.60 -3.84
N GLN B 18 -3.23 17.22 -4.45
CA GLN B 18 -3.50 16.99 -5.87
C GLN B 18 -2.55 17.80 -6.75
N THR B 19 -1.86 18.74 -6.17
CA THR B 19 -0.94 19.57 -6.91
C THR B 19 0.47 18.98 -6.97
N VAL B 20 0.80 18.10 -6.03
CA VAL B 20 2.13 17.52 -5.98
C VAL B 20 2.26 16.31 -6.90
N SER B 21 1.17 15.56 -7.06
CA SER B 21 1.20 14.38 -7.93
C SER B 21 1.02 14.79 -9.38
N ARG B 22 0.07 15.70 -9.59
CA ARG B 22 -0.26 16.29 -10.90
C ARG B 22 0.99 16.70 -11.72
N VAL B 23 2.03 17.21 -11.05
CA VAL B 23 3.23 17.64 -11.76
C VAL B 23 4.14 16.47 -12.16
N VAL B 24 3.90 15.30 -11.58
CA VAL B 24 4.71 14.12 -11.89
C VAL B 24 4.41 13.62 -13.31
N ASN B 25 3.23 13.03 -13.47
CA ASN B 25 2.79 12.50 -14.74
C ASN B 25 1.29 12.24 -14.70
N GLN B 26 0.50 13.29 -14.84
CA GLN B 26 -0.96 13.16 -14.81
C GLN B 26 -1.62 14.25 -15.63
N ALA B 27 -1.48 15.48 -15.19
CA ALA B 27 -2.07 16.61 -15.89
C ALA B 27 -1.07 17.76 -15.98
N SER B 28 -0.82 18.22 -17.18
CA SER B 28 0.11 19.32 -17.41
C SER B 28 -0.61 20.65 -17.35
N HIS B 29 -1.93 20.58 -17.50
CA HIS B 29 -2.80 21.75 -17.49
C HIS B 29 -2.88 22.35 -16.09
N VAL B 30 -1.76 22.87 -15.64
CA VAL B 30 -1.66 23.51 -14.34
C VAL B 30 -1.09 24.91 -14.51
N SER B 31 -1.52 25.83 -13.67
CA SER B 31 -1.01 27.18 -13.74
C SER B 31 0.50 27.17 -13.43
N ALA B 32 1.25 27.95 -14.19
CA ALA B 32 2.69 28.05 -14.04
C ALA B 32 3.05 28.52 -12.62
N LYS B 33 2.27 29.46 -12.11
CA LYS B 33 2.51 30.02 -10.78
C LYS B 33 2.30 28.97 -9.69
N THR B 34 1.40 28.03 -9.94
CA THR B 34 1.11 26.99 -8.97
C THR B 34 2.13 25.87 -9.06
N ARG B 35 2.53 25.51 -10.27
CA ARG B 35 3.49 24.40 -10.44
C ARG B 35 4.95 24.81 -10.15
N GLU B 36 5.24 26.10 -10.23
CA GLU B 36 6.58 26.58 -9.97
C GLU B 36 6.97 26.32 -8.52
N LYS B 37 6.01 26.41 -7.62
CA LYS B 37 6.26 26.17 -6.20
C LYS B 37 6.42 24.67 -5.94
N VAL B 38 5.61 23.86 -6.62
CA VAL B 38 5.65 22.42 -6.48
C VAL B 38 6.97 21.85 -6.93
N GLU B 39 7.42 22.30 -8.10
CA GLU B 39 8.68 21.86 -8.68
C GLU B 39 9.86 22.17 -7.75
N ALA B 40 9.80 23.34 -7.10
CA ALA B 40 10.83 23.76 -6.15
C ALA B 40 10.80 22.94 -4.87
N ALA B 41 9.89 21.98 -4.78
CA ALA B 41 9.78 21.14 -3.60
C ALA B 41 9.95 19.67 -3.97
N MET B 42 9.28 19.25 -5.03
CA MET B 42 9.36 17.84 -5.46
C MET B 42 10.75 17.47 -5.97
N ALA B 43 11.46 18.45 -6.53
CA ALA B 43 12.80 18.21 -7.05
C ALA B 43 13.86 18.42 -5.96
N GLU B 44 13.48 19.22 -4.96
CA GLU B 44 14.37 19.55 -3.85
C GLU B 44 14.45 18.42 -2.85
N LEU B 45 13.43 17.58 -2.80
CA LEU B 45 13.41 16.44 -1.87
C LEU B 45 13.45 15.13 -2.63
N ASN B 46 13.57 15.21 -3.96
CA ASN B 46 13.62 14.05 -4.83
C ASN B 46 12.37 13.18 -4.61
N TYR B 47 11.23 13.65 -5.13
CA TYR B 47 9.97 12.95 -4.97
C TYR B 47 9.86 11.80 -5.97
N ILE B 48 10.23 10.61 -5.50
CA ILE B 48 10.13 9.41 -6.30
C ILE B 48 8.85 8.70 -5.89
N PRO B 49 8.09 8.11 -6.83
CA PRO B 49 6.86 7.40 -6.50
C PRO B 49 7.04 6.42 -5.33
N ASN B 50 6.50 6.80 -4.17
CA ASN B 50 6.62 5.99 -2.96
C ASN B 50 6.00 4.61 -3.16
N ARG B 51 6.82 3.58 -3.02
CA ARG B 51 6.37 2.20 -3.18
C ARG B 51 5.72 1.72 -1.88
N CYS B 52 4.95 0.63 -1.96
CA CYS B 52 4.29 0.11 -0.77
C CYS B 52 3.31 1.14 -0.18
N ALA B 53 2.45 1.64 -1.06
CA ALA B 53 1.44 2.67 -0.73
C ALA B 53 0.66 3.00 -2.00
N GLN B 54 1.31 2.75 -3.13
CA GLN B 54 0.70 3.02 -4.44
C GLN B 54 -0.08 1.80 -4.88
N GLN B 55 0.33 0.66 -4.32
CA GLN B 55 -0.32 -0.64 -4.57
C GLN B 55 -1.67 -0.68 -3.89
N LEU B 56 -1.69 -0.13 -2.68
CA LEU B 56 -2.90 -0.08 -1.88
C LEU B 56 -3.84 1.00 -2.41
N ALA B 57 -3.28 2.06 -2.98
CA ALA B 57 -4.09 3.15 -3.52
C ALA B 57 -4.15 3.08 -5.03
N GLY B 58 -4.94 2.13 -5.53
CA GLY B 58 -5.09 1.96 -6.96
C GLY B 58 -4.05 1.02 -7.55
N LYS B 59 -3.10 1.58 -8.29
CA LYS B 59 -2.07 0.78 -8.91
C LYS B 59 -0.70 1.46 -8.80
N GLN B 60 0.33 0.63 -8.85
CA GLN B 60 1.70 1.12 -8.76
C GLN B 60 2.06 1.88 -10.03
N SER B 61 2.40 3.14 -9.86
CA SER B 61 2.79 3.99 -10.96
C SER B 61 4.22 3.66 -11.36
N LEU B 62 4.55 3.82 -12.63
CA LEU B 62 5.90 3.53 -13.09
C LEU B 62 6.86 4.65 -12.71
N MET A 1 -3.13 -13.89 -9.88
CA MET A 1 -4.04 -13.61 -11.02
C MET A 1 -5.43 -13.31 -10.49
N LYS A 2 -5.86 -14.07 -9.50
CA LYS A 2 -7.18 -13.91 -8.91
C LYS A 2 -7.15 -12.78 -7.88
N PRO A 3 -8.17 -11.90 -7.89
CA PRO A 3 -8.27 -10.78 -6.94
C PRO A 3 -8.63 -11.24 -5.53
N VAL A 4 -7.91 -12.23 -5.04
CA VAL A 4 -8.15 -12.75 -3.72
C VAL A 4 -7.12 -12.22 -2.72
N THR A 5 -7.62 -11.73 -1.60
CA THR A 5 -6.79 -11.20 -0.55
C THR A 5 -7.19 -11.84 0.78
N LEU A 6 -6.47 -11.55 1.87
CA LEU A 6 -6.78 -12.15 3.18
C LEU A 6 -8.26 -12.05 3.55
N TYR A 7 -8.90 -10.94 3.18
CA TYR A 7 -10.31 -10.73 3.50
C TYR A 7 -11.20 -11.75 2.81
N ASP A 8 -10.82 -12.15 1.61
CA ASP A 8 -11.58 -13.11 0.85
C ASP A 8 -11.30 -14.53 1.34
N VAL A 9 -10.04 -14.82 1.64
CA VAL A 9 -9.66 -16.15 2.13
C VAL A 9 -10.24 -16.40 3.53
N ALA A 10 -10.30 -15.34 4.32
CA ALA A 10 -10.82 -15.40 5.68
C ALA A 10 -12.27 -15.90 5.70
N GLU A 11 -13.14 -15.25 4.94
CA GLU A 11 -14.55 -15.65 4.89
C GLU A 11 -14.68 -17.05 4.28
N TYR A 12 -13.84 -17.34 3.30
CA TYR A 12 -13.87 -18.63 2.65
C TYR A 12 -13.52 -19.73 3.63
N ALA A 13 -12.42 -19.56 4.34
CA ALA A 13 -11.99 -20.57 5.28
C ALA A 13 -12.88 -20.58 6.53
N GLY A 14 -13.49 -19.44 6.85
CA GLY A 14 -14.33 -19.35 8.03
C GLY A 14 -13.53 -19.01 9.28
N VAL A 15 -12.46 -18.27 9.06
CA VAL A 15 -11.58 -17.86 10.14
C VAL A 15 -11.29 -16.38 10.03
N SER A 16 -10.38 -15.88 10.86
CA SER A 16 -10.03 -14.47 10.83
C SER A 16 -9.17 -14.17 9.60
N TYR A 17 -9.05 -12.90 9.28
CA TYR A 17 -8.27 -12.48 8.12
C TYR A 17 -6.80 -12.35 8.47
N GLN A 18 -6.43 -12.76 9.67
CA GLN A 18 -5.06 -12.66 10.09
C GLN A 18 -4.43 -14.03 10.30
N THR A 19 -5.24 -15.10 10.30
CA THR A 19 -4.72 -16.46 10.50
C THR A 19 -3.97 -16.94 9.26
N VAL A 20 -4.53 -16.66 8.08
CA VAL A 20 -3.88 -17.07 6.84
C VAL A 20 -2.57 -16.30 6.61
N SER A 21 -2.52 -15.06 7.01
CA SER A 21 -1.34 -14.25 6.82
C SER A 21 -0.34 -14.47 7.95
N ARG A 22 -0.81 -15.08 9.03
CA ARG A 22 0.03 -15.33 10.19
C ARG A 22 1.05 -16.40 9.89
N VAL A 23 0.73 -17.28 8.95
CA VAL A 23 1.64 -18.37 8.61
C VAL A 23 3.01 -17.82 8.16
N VAL A 24 2.98 -17.09 7.04
CA VAL A 24 4.17 -16.48 6.50
C VAL A 24 4.80 -15.46 7.46
N ASN A 25 3.98 -14.94 8.37
CA ASN A 25 4.40 -13.95 9.34
C ASN A 25 5.21 -14.56 10.48
N GLN A 26 4.57 -15.44 11.27
CA GLN A 26 5.24 -16.05 12.42
C GLN A 26 4.77 -17.49 12.69
N ALA A 27 3.69 -17.89 12.03
CA ALA A 27 3.11 -19.23 12.19
C ALA A 27 2.78 -19.53 13.64
N SER A 28 2.08 -18.59 14.28
CA SER A 28 1.68 -18.70 15.68
C SER A 28 0.21 -19.12 15.83
N HIS A 29 -0.69 -18.29 15.30
CA HIS A 29 -2.12 -18.58 15.39
C HIS A 29 -2.50 -19.59 14.34
N VAL A 30 -2.52 -20.85 14.74
CA VAL A 30 -2.87 -21.94 13.86
C VAL A 30 -3.77 -22.96 14.57
N SER A 31 -3.58 -23.11 15.89
CA SER A 31 -4.32 -24.05 16.72
C SER A 31 -4.04 -25.51 16.32
N ALA A 32 -3.11 -25.70 15.37
CA ALA A 32 -2.71 -27.04 14.88
C ALA A 32 -3.81 -27.67 14.04
N LYS A 33 -5.04 -27.57 14.49
CA LYS A 33 -6.18 -28.13 13.80
C LYS A 33 -6.31 -27.57 12.40
N THR A 34 -6.33 -26.25 12.28
CA THR A 34 -6.47 -25.62 10.98
C THR A 34 -5.12 -25.44 10.27
N ARG A 35 -4.43 -26.54 10.01
CA ARG A 35 -3.14 -26.49 9.32
C ARG A 35 -3.29 -26.84 7.83
N GLU A 36 -3.99 -27.93 7.55
CA GLU A 36 -4.19 -28.37 6.16
C GLU A 36 -5.15 -27.44 5.41
N LYS A 37 -6.20 -27.00 6.10
CA LYS A 37 -7.20 -26.12 5.54
C LYS A 37 -6.58 -24.85 4.95
N VAL A 38 -5.71 -24.18 5.72
CA VAL A 38 -5.07 -22.97 5.27
C VAL A 38 -4.24 -23.19 4.01
N GLU A 39 -3.46 -24.26 4.02
CA GLU A 39 -2.59 -24.59 2.90
C GLU A 39 -3.38 -24.74 1.60
N ALA A 40 -4.51 -25.40 1.69
CA ALA A 40 -5.37 -25.63 0.54
C ALA A 40 -6.09 -24.35 0.14
N ALA A 41 -6.52 -23.58 1.14
CA ALA A 41 -7.27 -22.35 0.90
C ALA A 41 -6.46 -21.31 0.13
N MET A 42 -5.26 -21.01 0.60
CA MET A 42 -4.43 -19.97 -0.03
C MET A 42 -4.00 -20.35 -1.46
N ALA A 43 -3.91 -21.64 -1.73
CA ALA A 43 -3.50 -22.12 -3.05
C ALA A 43 -4.66 -22.19 -4.04
N GLU A 44 -5.80 -22.69 -3.56
CA GLU A 44 -6.98 -22.84 -4.40
C GLU A 44 -7.52 -21.52 -4.92
N LEU A 45 -7.55 -20.52 -4.06
CA LEU A 45 -8.09 -19.20 -4.41
C LEU A 45 -7.04 -18.28 -4.99
N ASN A 46 -5.76 -18.69 -4.88
CA ASN A 46 -4.64 -17.87 -5.35
C ASN A 46 -4.53 -16.65 -4.45
N TYR A 47 -3.66 -16.72 -3.44
CA TYR A 47 -3.49 -15.63 -2.51
C TYR A 47 -2.03 -15.25 -2.30
N ILE A 48 -1.75 -13.95 -2.33
CA ILE A 48 -0.40 -13.43 -2.10
C ILE A 48 -0.44 -12.52 -0.90
N PRO A 49 0.06 -12.99 0.27
CA PRO A 49 0.10 -12.23 1.55
C PRO A 49 0.86 -10.89 1.50
N ASN A 50 1.34 -10.52 0.32
CA ASN A 50 2.04 -9.26 0.11
C ASN A 50 3.40 -9.19 0.79
N ARG A 51 4.15 -8.17 0.42
CA ARG A 51 5.46 -7.88 0.99
C ARG A 51 5.56 -6.40 1.29
N CYS A 52 4.66 -5.64 0.68
CA CYS A 52 4.65 -4.22 0.85
C CYS A 52 3.62 -3.74 1.88
N ALA A 53 2.35 -4.19 1.75
CA ALA A 53 1.28 -3.77 2.66
C ALA A 53 1.61 -4.09 4.12
N GLN A 54 2.37 -5.18 4.31
CA GLN A 54 2.79 -5.62 5.65
C GLN A 54 3.83 -4.69 6.26
N GLN A 55 4.10 -3.56 5.62
CA GLN A 55 5.10 -2.61 6.13
C GLN A 55 4.53 -1.20 6.21
N LEU A 56 3.20 -1.11 6.27
CA LEU A 56 2.54 0.18 6.35
C LEU A 56 1.92 0.39 7.73
N ALA A 57 1.97 -0.62 8.60
CA ALA A 57 1.39 -0.48 9.92
C ALA A 57 2.39 -0.82 11.03
N GLY A 58 3.64 -0.93 10.66
CA GLY A 58 4.67 -1.28 11.62
C GLY A 58 5.20 -0.06 12.35
N LYS A 59 4.50 0.34 13.40
CA LYS A 59 4.90 1.50 14.21
C LYS A 59 6.11 1.16 15.06
N GLN A 60 6.17 -0.08 15.52
CA GLN A 60 7.25 -0.52 16.36
C GLN A 60 8.06 -1.61 15.68
N SER A 61 9.30 -1.27 15.35
CA SER A 61 10.20 -2.19 14.68
C SER A 61 10.80 -3.18 15.67
N LEU A 62 10.83 -2.78 16.94
CA LEU A 62 11.37 -3.62 17.99
C LEU A 62 10.75 -3.22 19.32
N MET B 1 17.25 5.05 3.98
CA MET B 1 16.66 5.06 5.30
C MET B 1 15.90 6.37 5.53
N LYS B 2 15.62 7.06 4.43
CA LYS B 2 14.90 8.33 4.50
C LYS B 2 13.62 8.26 3.67
N PRO B 3 12.44 8.12 4.33
CA PRO B 3 11.15 8.04 3.65
C PRO B 3 10.66 9.37 3.12
N VAL B 4 9.79 9.31 2.14
CA VAL B 4 9.24 10.50 1.54
C VAL B 4 7.74 10.31 1.45
N THR B 5 7.01 11.42 1.59
CA THR B 5 5.57 11.38 1.56
C THR B 5 5.06 12.50 0.65
N LEU B 6 3.76 12.46 0.34
CA LEU B 6 3.16 13.47 -0.50
C LEU B 6 2.97 14.74 0.34
N TYR B 7 3.10 14.58 1.64
CA TYR B 7 2.94 15.70 2.57
C TYR B 7 4.21 16.53 2.57
N ASP B 8 5.34 15.84 2.39
CA ASP B 8 6.67 16.45 2.35
C ASP B 8 6.78 17.37 1.16
N VAL B 9 6.22 16.91 0.06
CA VAL B 9 6.24 17.65 -1.18
C VAL B 9 5.52 18.97 -1.03
N ALA B 10 4.37 18.92 -0.36
CA ALA B 10 3.53 20.11 -0.12
C ALA B 10 4.18 21.03 0.90
N GLU B 11 5.04 20.45 1.72
CA GLU B 11 5.77 21.17 2.74
C GLU B 11 6.85 22.04 2.11
N TYR B 12 7.71 21.43 1.28
CA TYR B 12 8.80 22.17 0.64
C TYR B 12 8.30 23.26 -0.31
N ALA B 13 7.35 22.92 -1.21
CA ALA B 13 6.84 23.84 -2.19
C ALA B 13 6.02 24.97 -1.58
N GLY B 14 5.59 24.82 -0.33
CA GLY B 14 4.81 25.84 0.31
C GLY B 14 3.39 25.85 -0.23
N VAL B 15 2.83 24.67 -0.43
CA VAL B 15 1.47 24.53 -0.95
C VAL B 15 0.65 23.62 -0.04
N SER B 16 -0.57 23.32 -0.48
CA SER B 16 -1.45 22.48 0.26
C SER B 16 -1.63 21.14 -0.48
N TYR B 17 -2.30 20.20 0.19
CA TYR B 17 -2.58 18.87 -0.35
C TYR B 17 -3.73 18.96 -1.35
N GLN B 18 -3.49 19.72 -2.40
CA GLN B 18 -4.44 19.91 -3.47
C GLN B 18 -3.69 20.43 -4.68
N THR B 19 -2.54 21.04 -4.40
CA THR B 19 -1.70 21.60 -5.44
C THR B 19 -0.63 20.59 -5.81
N VAL B 20 -0.47 19.57 -4.96
CA VAL B 20 0.55 18.54 -5.18
C VAL B 20 0.06 17.39 -6.03
N SER B 21 -1.24 17.23 -6.05
CA SER B 21 -1.84 16.14 -6.82
C SER B 21 -1.89 16.50 -8.30
N ARG B 22 -2.58 17.59 -8.61
CA ARG B 22 -2.71 18.06 -9.99
C ARG B 22 -1.35 18.41 -10.64
N VAL B 23 -0.32 18.60 -9.83
CA VAL B 23 0.98 18.92 -10.39
C VAL B 23 1.67 17.66 -10.91
N VAL B 24 1.15 16.48 -10.53
CA VAL B 24 1.70 15.19 -10.96
C VAL B 24 1.43 14.94 -12.45
N ASN B 25 0.16 14.71 -12.80
CA ASN B 25 -0.21 14.44 -14.18
C ASN B 25 -1.66 14.87 -14.44
N GLN B 26 -2.15 15.85 -13.66
CA GLN B 26 -3.52 16.33 -13.80
C GLN B 26 -3.58 17.84 -13.70
N ALA B 27 -2.66 18.48 -14.41
CA ALA B 27 -2.55 19.91 -14.43
C ALA B 27 -3.27 20.49 -15.66
N SER B 28 -4.55 20.76 -15.51
CA SER B 28 -5.36 21.33 -16.58
C SER B 28 -5.08 22.82 -16.73
N HIS B 29 -5.55 23.61 -15.77
CA HIS B 29 -5.34 25.05 -15.80
C HIS B 29 -4.65 25.52 -14.53
N VAL B 30 -3.63 24.77 -14.11
CA VAL B 30 -2.91 25.11 -12.89
C VAL B 30 -1.90 26.22 -13.20
N SER B 31 -1.78 27.19 -12.30
CA SER B 31 -0.86 28.30 -12.47
C SER B 31 0.57 27.78 -12.55
N ALA B 32 1.21 28.00 -13.70
CA ALA B 32 2.59 27.58 -13.93
C ALA B 32 3.55 28.14 -12.88
N LYS B 33 3.19 29.27 -12.28
CA LYS B 33 4.00 29.91 -11.24
C LYS B 33 4.21 28.96 -10.05
N THR B 34 3.12 28.46 -9.51
CA THR B 34 3.16 27.56 -8.39
C THR B 34 3.49 26.14 -8.81
N ARG B 35 3.17 25.80 -10.05
CA ARG B 35 3.44 24.47 -10.59
C ARG B 35 4.94 24.19 -10.64
N GLU B 36 5.76 25.22 -10.82
CA GLU B 36 7.19 25.03 -10.93
C GLU B 36 7.80 24.82 -9.54
N LYS B 37 7.15 25.36 -8.50
CA LYS B 37 7.62 25.20 -7.14
C LYS B 37 7.37 23.79 -6.65
N VAL B 38 6.22 23.23 -6.98
CA VAL B 38 5.92 21.87 -6.56
C VAL B 38 6.85 20.91 -7.28
N GLU B 39 7.18 21.22 -8.53
CA GLU B 39 8.09 20.40 -9.30
C GLU B 39 9.50 20.51 -8.73
N ALA B 40 9.89 21.72 -8.31
CA ALA B 40 11.20 21.94 -7.69
C ALA B 40 11.29 21.10 -6.41
N ALA B 41 10.18 21.03 -5.67
CA ALA B 41 10.12 20.25 -4.44
C ALA B 41 10.35 18.77 -4.72
N MET B 42 9.71 18.26 -5.77
CA MET B 42 9.84 16.86 -6.13
C MET B 42 11.28 16.52 -6.51
N ALA B 43 11.93 17.43 -7.22
CA ALA B 43 13.32 17.26 -7.66
C ALA B 43 14.30 17.39 -6.50
N GLU B 44 13.99 18.28 -5.58
CA GLU B 44 14.83 18.52 -4.42
C GLU B 44 14.80 17.33 -3.45
N LEU B 45 13.60 16.87 -3.12
CA LEU B 45 13.42 15.76 -2.15
C LEU B 45 13.54 14.40 -2.84
N ASN B 46 13.71 14.40 -4.16
CA ASN B 46 13.83 13.17 -4.93
C ASN B 46 12.56 12.33 -4.75
N TYR B 47 11.43 12.97 -5.00
CA TYR B 47 10.15 12.31 -4.85
C TYR B 47 9.89 11.35 -6.00
N ILE B 48 10.04 10.08 -5.70
CA ILE B 48 9.78 9.02 -6.65
C ILE B 48 8.62 8.18 -6.10
N PRO B 49 7.61 7.90 -6.93
CA PRO B 49 6.43 7.11 -6.55
C PRO B 49 6.72 6.06 -5.48
N ASN B 50 6.27 6.35 -4.26
CA ASN B 50 6.49 5.49 -3.11
C ASN B 50 5.81 4.15 -3.28
N ARG B 51 6.53 3.10 -2.93
CA ARG B 51 5.99 1.75 -3.03
C ARG B 51 5.21 1.42 -1.77
N CYS B 52 4.65 0.21 -1.71
CA CYS B 52 3.88 -0.24 -0.55
C CYS B 52 2.75 0.74 -0.26
N ALA B 53 2.21 1.24 -1.35
CA ALA B 53 1.13 2.23 -1.28
C ALA B 53 0.48 2.43 -2.68
N GLN B 54 1.21 2.01 -3.71
CA GLN B 54 0.74 2.15 -5.07
C GLN B 54 -0.14 0.96 -5.43
N GLN B 55 0.18 -0.19 -4.85
CA GLN B 55 -0.57 -1.42 -5.07
C GLN B 55 -1.77 -1.42 -4.17
N LEU B 56 -1.63 -0.73 -3.04
CA LEU B 56 -2.67 -0.60 -2.03
C LEU B 56 -3.67 0.46 -2.42
N ALA B 57 -3.18 1.62 -2.86
CA ALA B 57 -4.02 2.71 -3.29
C ALA B 57 -4.00 2.86 -4.79
N GLY B 58 -5.09 2.49 -5.43
CA GLY B 58 -5.17 2.60 -6.86
C GLY B 58 -6.17 1.64 -7.45
N LYS B 59 -6.10 0.38 -7.03
CA LYS B 59 -7.01 -0.65 -7.50
C LYS B 59 -8.42 -0.45 -6.93
N GLN B 60 -9.26 0.26 -7.68
CA GLN B 60 -10.63 0.52 -7.26
C GLN B 60 -11.59 -0.36 -8.05
N SER B 61 -11.24 -0.62 -9.30
CA SER B 61 -12.02 -1.48 -10.18
C SER B 61 -11.36 -2.83 -10.26
N LEU B 62 -11.99 -3.82 -9.66
CA LEU B 62 -11.46 -5.18 -9.65
C LEU B 62 -11.71 -5.86 -10.99
N MET A 1 -8.00 -18.65 -8.71
CA MET A 1 -7.12 -17.94 -9.69
C MET A 1 -7.15 -16.43 -9.43
N LYS A 2 -8.09 -15.99 -8.61
CA LYS A 2 -8.20 -14.57 -8.29
C LYS A 2 -7.39 -14.25 -7.04
N PRO A 3 -6.72 -13.08 -7.01
CA PRO A 3 -5.89 -12.68 -5.87
C PRO A 3 -6.72 -12.31 -4.65
N VAL A 4 -7.47 -13.28 -4.13
CA VAL A 4 -8.30 -13.08 -2.98
C VAL A 4 -7.45 -12.70 -1.75
N THR A 5 -8.04 -11.91 -0.86
CA THR A 5 -7.34 -11.49 0.35
C THR A 5 -7.71 -12.37 1.53
N LEU A 6 -6.98 -12.21 2.62
CA LEU A 6 -7.21 -12.95 3.86
C LEU A 6 -8.69 -12.98 4.25
N TYR A 7 -9.45 -11.96 3.83
CA TYR A 7 -10.88 -11.88 4.14
C TYR A 7 -11.65 -13.06 3.56
N ASP A 8 -11.31 -13.43 2.34
CA ASP A 8 -11.97 -14.53 1.66
C ASP A 8 -11.51 -15.87 2.23
N VAL A 9 -10.25 -15.91 2.61
CA VAL A 9 -9.66 -17.12 3.18
C VAL A 9 -10.25 -17.42 4.55
N ALA A 10 -10.51 -16.36 5.30
CA ALA A 10 -11.09 -16.47 6.64
C ALA A 10 -12.42 -17.18 6.59
N GLU A 11 -13.30 -16.67 5.74
CA GLU A 11 -14.63 -17.23 5.59
C GLU A 11 -14.54 -18.66 5.08
N TYR A 12 -13.69 -18.86 4.10
CA TYR A 12 -13.49 -20.17 3.49
C TYR A 12 -13.06 -21.21 4.52
N ALA A 13 -12.21 -20.82 5.46
CA ALA A 13 -11.73 -21.75 6.47
C ALA A 13 -12.61 -21.73 7.73
N GLY A 14 -13.44 -20.71 7.85
CA GLY A 14 -14.32 -20.60 9.01
C GLY A 14 -13.64 -20.00 10.23
N VAL A 15 -12.69 -19.13 9.98
CA VAL A 15 -11.94 -18.48 11.04
C VAL A 15 -11.77 -17.00 10.72
N SER A 16 -10.88 -16.34 11.41
CA SER A 16 -10.63 -14.93 11.17
C SER A 16 -9.56 -14.78 10.11
N TYR A 17 -9.38 -13.57 9.65
CA TYR A 17 -8.39 -13.29 8.63
C TYR A 17 -7.00 -13.15 9.24
N GLN A 18 -6.83 -13.72 10.43
CA GLN A 18 -5.56 -13.69 11.13
C GLN A 18 -5.03 -15.10 11.31
N THR A 19 -5.94 -16.06 11.47
CA THR A 19 -5.57 -17.45 11.63
C THR A 19 -4.79 -17.93 10.41
N VAL A 20 -5.23 -17.44 9.24
CA VAL A 20 -4.57 -17.77 7.98
C VAL A 20 -3.17 -17.14 7.87
N SER A 21 -2.98 -15.98 8.49
CA SER A 21 -1.69 -15.27 8.48
C SER A 21 -0.76 -15.87 9.53
N ARG A 22 -1.36 -16.56 10.48
CA ARG A 22 -0.64 -17.18 11.59
C ARG A 22 0.35 -18.21 11.10
N VAL A 23 -0.02 -18.90 10.02
CA VAL A 23 0.82 -19.94 9.43
C VAL A 23 2.00 -19.36 8.69
N VAL A 24 1.74 -18.48 7.74
CA VAL A 24 2.80 -17.87 6.94
C VAL A 24 3.69 -16.94 7.74
N ASN A 25 3.22 -16.44 8.88
CA ASN A 25 4.02 -15.53 9.70
C ASN A 25 4.79 -16.25 10.82
N GLN A 26 4.05 -16.94 11.68
CA GLN A 26 4.65 -17.63 12.83
C GLN A 26 4.75 -19.14 12.62
N ALA A 27 3.60 -19.76 12.33
CA ALA A 27 3.49 -21.20 12.14
C ALA A 27 3.80 -21.94 13.45
N SER A 28 3.37 -21.37 14.57
CA SER A 28 3.61 -21.99 15.86
C SER A 28 2.33 -22.56 16.44
N HIS A 29 1.46 -21.67 16.94
CA HIS A 29 0.20 -22.08 17.54
C HIS A 29 -0.97 -21.68 16.65
N VAL A 30 -1.21 -22.46 15.61
CA VAL A 30 -2.31 -22.19 14.69
C VAL A 30 -3.54 -23.00 15.12
N SER A 31 -3.98 -22.76 16.34
CA SER A 31 -5.12 -23.46 16.92
C SER A 31 -4.88 -24.97 17.10
N ALA A 32 -3.88 -25.52 16.39
CA ALA A 32 -3.54 -26.94 16.42
C ALA A 32 -4.60 -27.77 15.68
N LYS A 33 -5.86 -27.54 15.99
CA LYS A 33 -6.96 -28.25 15.35
C LYS A 33 -7.41 -27.50 14.09
N THR A 34 -6.82 -26.33 13.84
CA THR A 34 -7.18 -25.51 12.68
C THR A 34 -5.94 -25.00 11.94
N ARG A 35 -4.97 -25.89 11.73
CA ARG A 35 -3.75 -25.54 11.03
C ARG A 35 -3.81 -26.04 9.59
N GLU A 36 -4.28 -27.26 9.42
CA GLU A 36 -4.40 -27.87 8.10
C GLU A 36 -5.49 -27.15 7.29
N LYS A 37 -6.58 -26.82 7.96
CA LYS A 37 -7.72 -26.16 7.34
C LYS A 37 -7.35 -24.84 6.67
N VAL A 38 -6.54 -24.02 7.33
CA VAL A 38 -6.15 -22.73 6.78
C VAL A 38 -5.11 -22.88 5.66
N GLU A 39 -4.25 -23.89 5.77
CA GLU A 39 -3.22 -24.14 4.76
C GLU A 39 -3.86 -24.61 3.46
N ALA A 40 -4.88 -25.45 3.58
CA ALA A 40 -5.57 -25.97 2.41
C ALA A 40 -6.42 -24.87 1.76
N ALA A 41 -7.05 -24.05 2.61
CA ALA A 41 -7.89 -22.95 2.15
C ALA A 41 -7.08 -21.93 1.34
N MET A 42 -5.90 -21.57 1.84
CA MET A 42 -5.06 -20.60 1.16
C MET A 42 -4.59 -21.12 -0.19
N ALA A 43 -4.32 -22.42 -0.29
CA ALA A 43 -3.86 -23.01 -1.54
C ALA A 43 -5.01 -23.12 -2.54
N GLU A 44 -6.18 -23.48 -2.03
CA GLU A 44 -7.38 -23.63 -2.87
C GLU A 44 -7.70 -22.35 -3.65
N LEU A 45 -7.72 -21.25 -2.92
CA LEU A 45 -8.02 -19.94 -3.50
C LEU A 45 -6.78 -19.27 -4.07
N ASN A 46 -5.63 -19.97 -4.01
CA ASN A 46 -4.37 -19.43 -4.54
C ASN A 46 -4.07 -18.11 -3.84
N TYR A 47 -4.40 -18.04 -2.56
CA TYR A 47 -4.18 -16.83 -1.78
C TYR A 47 -2.67 -16.57 -1.61
N ILE A 48 -2.33 -15.29 -1.65
CA ILE A 48 -0.95 -14.84 -1.50
C ILE A 48 -0.90 -13.67 -0.52
N PRO A 49 -0.31 -13.88 0.68
CA PRO A 49 -0.21 -12.84 1.73
C PRO A 49 0.48 -11.53 1.29
N ASN A 50 0.90 -11.44 0.03
CA ASN A 50 1.52 -10.22 -0.48
C ASN A 50 2.77 -9.84 0.32
N ARG A 51 3.26 -8.64 0.09
CA ARG A 51 4.43 -8.15 0.81
C ARG A 51 4.33 -6.64 0.99
N CYS A 52 3.78 -5.98 -0.02
CA CYS A 52 3.63 -4.54 -0.01
C CYS A 52 2.69 -4.09 1.11
N ALA A 53 1.53 -4.73 1.17
CA ALA A 53 0.52 -4.38 2.16
C ALA A 53 1.05 -4.58 3.58
N GLN A 54 1.88 -5.59 3.76
CA GLN A 54 2.49 -5.91 5.05
C GLN A 54 3.38 -4.79 5.57
N GLN A 55 3.83 -3.92 4.67
CA GLN A 55 4.70 -2.80 5.02
C GLN A 55 3.96 -1.48 4.87
N LEU A 56 2.66 -1.53 4.77
CA LEU A 56 1.85 -0.31 4.62
C LEU A 56 1.13 0.00 5.92
N ALA A 57 0.83 -1.05 6.67
CA ALA A 57 0.15 -0.89 7.95
C ALA A 57 1.00 -0.16 9.00
N GLY A 58 2.11 -0.76 9.38
CA GLY A 58 2.99 -0.13 10.34
C GLY A 58 3.53 -1.10 11.37
N LYS A 59 4.69 -1.68 11.07
CA LYS A 59 5.34 -2.63 11.97
C LYS A 59 6.24 -1.91 12.97
N GLN A 60 6.02 -0.60 13.12
CA GLN A 60 6.80 0.22 14.04
C GLN A 60 5.87 1.05 14.91
N SER A 61 6.38 1.51 16.03
CA SER A 61 5.59 2.29 16.97
C SER A 61 5.26 3.67 16.41
N LEU A 62 3.97 3.91 16.24
CA LEU A 62 3.48 5.17 15.71
C LEU A 62 3.08 6.11 16.85
N MET B 1 15.91 4.85 5.73
CA MET B 1 16.50 6.04 6.34
C MET B 1 15.49 7.17 6.38
N LYS B 2 15.20 7.75 5.22
CA LYS B 2 14.23 8.85 5.10
C LYS B 2 13.14 8.47 4.11
N PRO B 3 11.98 7.98 4.58
CA PRO B 3 10.88 7.61 3.71
C PRO B 3 10.12 8.82 3.21
N VAL B 4 10.00 8.92 1.90
CA VAL B 4 9.26 10.02 1.31
C VAL B 4 7.81 9.61 1.08
N THR B 5 6.90 10.58 1.16
CA THR B 5 5.50 10.32 1.00
C THR B 5 4.89 11.53 0.29
N LEU B 6 3.63 11.44 -0.10
CA LEU B 6 2.96 12.56 -0.77
C LEU B 6 2.68 13.68 0.24
N TYR B 7 2.82 13.37 1.52
CA TYR B 7 2.58 14.35 2.57
C TYR B 7 3.83 15.19 2.79
N ASP B 8 5.00 14.56 2.62
CA ASP B 8 6.28 15.22 2.80
C ASP B 8 6.53 16.23 1.69
N VAL B 9 6.23 15.80 0.47
CA VAL B 9 6.40 16.65 -0.69
C VAL B 9 5.53 17.89 -0.57
N ALA B 10 4.35 17.73 0.00
CA ALA B 10 3.41 18.81 0.17
C ALA B 10 3.88 19.79 1.24
N GLU B 11 4.51 19.25 2.28
CA GLU B 11 5.00 20.05 3.37
C GLU B 11 6.09 20.99 2.86
N TYR B 12 7.06 20.40 2.17
CA TYR B 12 8.17 21.18 1.63
C TYR B 12 7.67 22.23 0.64
N ALA B 13 6.68 21.88 -0.16
CA ALA B 13 6.13 22.81 -1.15
C ALA B 13 5.32 23.92 -0.47
N GLY B 14 4.90 23.69 0.76
CA GLY B 14 4.12 24.66 1.48
C GLY B 14 2.73 24.84 0.92
N VAL B 15 2.13 23.76 0.43
CA VAL B 15 0.78 23.81 -0.14
C VAL B 15 -0.03 22.61 0.33
N SER B 16 -1.29 22.55 -0.09
CA SER B 16 -2.16 21.45 0.28
C SER B 16 -2.08 20.32 -0.75
N TYR B 17 -2.80 19.25 -0.48
CA TYR B 17 -2.84 18.12 -1.38
C TYR B 17 -3.74 18.46 -2.57
N GLN B 18 -3.14 18.58 -3.78
CA GLN B 18 -3.83 18.88 -5.04
C GLN B 18 -2.82 19.46 -6.03
N THR B 19 -2.20 20.56 -5.63
CA THR B 19 -1.23 21.25 -6.45
C THR B 19 -0.01 20.38 -6.76
N VAL B 20 0.38 19.55 -5.80
CA VAL B 20 1.56 18.69 -5.93
C VAL B 20 1.31 17.47 -6.82
N SER B 21 0.14 16.89 -6.68
CA SER B 21 -0.21 15.69 -7.42
C SER B 21 -0.47 15.98 -8.90
N ARG B 22 -0.88 17.21 -9.24
CA ARG B 22 -1.17 17.56 -10.63
C ARG B 22 0.09 17.96 -11.40
N VAL B 23 1.10 18.44 -10.70
CA VAL B 23 2.34 18.85 -11.36
C VAL B 23 3.10 17.64 -11.93
N VAL B 24 2.87 16.48 -11.34
CA VAL B 24 3.52 15.26 -11.81
C VAL B 24 2.58 14.49 -12.74
N ASN B 25 1.36 15.02 -12.91
CA ASN B 25 0.36 14.38 -13.78
C ASN B 25 -0.01 15.27 -14.96
N GLN B 26 -0.78 16.33 -14.68
CA GLN B 26 -1.21 17.28 -15.70
C GLN B 26 -1.77 18.56 -15.06
N ALA B 27 -0.86 19.41 -14.58
CA ALA B 27 -1.20 20.68 -13.97
C ALA B 27 -1.37 21.76 -15.04
N SER B 28 -2.61 21.98 -15.44
CA SER B 28 -2.92 22.99 -16.45
C SER B 28 -3.70 24.13 -15.82
N HIS B 29 -4.64 23.79 -14.95
CA HIS B 29 -5.47 24.77 -14.27
C HIS B 29 -4.75 25.38 -13.07
N VAL B 30 -3.43 25.51 -13.19
CA VAL B 30 -2.60 26.09 -12.12
C VAL B 30 -1.91 27.33 -12.64
N SER B 31 -1.73 28.34 -11.78
CA SER B 31 -1.08 29.59 -12.15
C SER B 31 0.41 29.40 -12.51
N ALA B 32 1.29 29.94 -11.68
CA ALA B 32 2.73 29.84 -11.91
C ALA B 32 3.48 29.83 -10.59
N LYS B 33 3.24 30.85 -9.76
CA LYS B 33 3.90 31.00 -8.47
C LYS B 33 3.82 29.73 -7.62
N THR B 34 2.68 29.10 -7.61
CA THR B 34 2.49 27.90 -6.83
C THR B 34 2.99 26.67 -7.58
N ARG B 35 3.11 26.81 -8.90
CA ARG B 35 3.53 25.71 -9.74
C ARG B 35 5.04 25.40 -9.59
N GLU B 36 5.83 26.45 -9.45
CA GLU B 36 7.29 26.30 -9.30
C GLU B 36 7.63 25.77 -7.89
N LYS B 37 6.82 26.12 -6.88
CA LYS B 37 7.06 25.68 -5.51
C LYS B 37 6.93 24.18 -5.39
N VAL B 38 5.91 23.61 -6.04
CA VAL B 38 5.70 22.16 -5.98
C VAL B 38 6.75 21.43 -6.79
N GLU B 39 7.23 22.07 -7.85
CA GLU B 39 8.26 21.48 -8.69
C GLU B 39 9.51 21.32 -7.86
N ALA B 40 9.87 22.40 -7.17
CA ALA B 40 11.07 22.39 -6.30
C ALA B 40 10.95 21.32 -5.24
N ALA B 41 9.76 21.22 -4.64
CA ALA B 41 9.50 20.23 -3.60
C ALA B 41 9.68 18.79 -4.11
N MET B 42 9.03 18.47 -5.24
CA MET B 42 9.12 17.12 -5.79
C MET B 42 10.54 16.80 -6.27
N ALA B 43 11.27 17.82 -6.68
CA ALA B 43 12.64 17.66 -7.14
C ALA B 43 13.60 17.52 -5.98
N GLU B 44 13.37 18.30 -4.93
CA GLU B 44 14.24 18.31 -3.77
C GLU B 44 14.26 16.92 -3.12
N LEU B 45 13.08 16.36 -2.85
CA LEU B 45 12.99 15.05 -2.22
C LEU B 45 13.09 13.92 -3.24
N ASN B 46 13.18 14.32 -4.52
CA ASN B 46 13.28 13.37 -5.63
C ASN B 46 12.15 12.37 -5.58
N TYR B 47 10.93 12.88 -5.76
CA TYR B 47 9.75 12.03 -5.71
C TYR B 47 9.68 11.06 -6.89
N ILE B 48 9.54 9.79 -6.56
CA ILE B 48 9.41 8.75 -7.57
C ILE B 48 8.20 7.90 -7.21
N PRO B 49 7.24 7.74 -8.16
CA PRO B 49 6.03 6.93 -7.93
C PRO B 49 6.40 5.52 -7.48
N ASN B 50 6.39 5.34 -6.17
CA ASN B 50 6.74 4.07 -5.57
C ASN B 50 5.58 3.08 -5.65
N ARG B 51 5.92 1.82 -5.87
CA ARG B 51 4.92 0.78 -5.94
C ARG B 51 4.61 0.34 -4.52
N CYS B 52 3.99 -0.83 -4.35
CA CYS B 52 3.61 -1.32 -3.03
C CYS B 52 2.77 -0.27 -2.34
N ALA B 53 1.80 0.19 -3.10
CA ALA B 53 0.87 1.23 -2.69
C ALA B 53 0.00 1.63 -3.87
N GLN B 54 0.40 1.19 -5.06
CA GLN B 54 -0.32 1.52 -6.29
C GLN B 54 -1.33 0.44 -6.57
N GLN B 55 -0.87 -0.82 -6.57
CA GLN B 55 -1.76 -1.96 -6.82
C GLN B 55 -2.75 -2.05 -5.66
N LEU B 56 -2.24 -1.75 -4.46
CA LEU B 56 -3.03 -1.73 -3.24
C LEU B 56 -4.07 -0.61 -3.30
N ALA B 57 -3.68 0.51 -3.88
CA ALA B 57 -4.56 1.66 -4.02
C ALA B 57 -5.67 1.35 -5.01
N GLY B 58 -5.38 0.50 -5.99
CA GLY B 58 -6.36 0.14 -6.99
C GLY B 58 -5.81 0.20 -8.41
N LYS B 59 -5.43 1.38 -8.85
CA LYS B 59 -4.89 1.56 -10.19
C LYS B 59 -3.39 1.80 -10.15
N GLN B 60 -2.68 1.33 -11.14
CA GLN B 60 -1.24 1.50 -11.20
C GLN B 60 -0.86 2.59 -12.19
N SER B 61 -0.47 3.75 -11.66
CA SER B 61 -0.08 4.89 -12.46
C SER B 61 1.34 4.75 -12.99
N LEU B 62 1.96 3.62 -12.67
CA LEU B 62 3.30 3.33 -13.10
C LEU B 62 3.52 1.82 -13.05
N MET A 1 -8.04 -18.11 -9.38
CA MET A 1 -8.71 -17.40 -10.50
C MET A 1 -8.09 -16.05 -10.71
N LYS A 2 -8.17 -15.22 -9.69
CA LYS A 2 -7.59 -13.89 -9.72
C LYS A 2 -6.66 -13.73 -8.53
N PRO A 3 -5.64 -12.85 -8.63
CA PRO A 3 -4.72 -12.60 -7.53
C PRO A 3 -5.41 -11.84 -6.41
N VAL A 4 -6.12 -12.58 -5.58
CA VAL A 4 -6.83 -12.03 -4.46
C VAL A 4 -5.91 -11.92 -3.26
N THR A 5 -6.49 -11.47 -2.15
CA THR A 5 -5.75 -11.28 -0.93
C THR A 5 -6.59 -11.73 0.25
N LEU A 6 -6.12 -11.51 1.48
CA LEU A 6 -6.85 -11.92 2.69
C LEU A 6 -8.30 -11.41 2.72
N TYR A 7 -8.57 -10.35 1.96
CA TYR A 7 -9.91 -9.76 1.91
C TYR A 7 -10.90 -10.74 1.27
N ASP A 8 -10.40 -11.57 0.37
CA ASP A 8 -11.24 -12.54 -0.32
C ASP A 8 -11.22 -13.89 0.37
N VAL A 9 -10.02 -14.34 0.73
CA VAL A 9 -9.84 -15.62 1.38
C VAL A 9 -10.57 -15.70 2.71
N ALA A 10 -10.64 -14.57 3.42
CA ALA A 10 -11.31 -14.51 4.72
C ALA A 10 -12.75 -15.00 4.62
N GLU A 11 -13.47 -14.50 3.62
CA GLU A 11 -14.86 -14.88 3.40
C GLU A 11 -14.98 -16.35 3.02
N TYR A 12 -14.16 -16.77 2.08
CA TYR A 12 -14.14 -18.16 1.62
C TYR A 12 -13.79 -19.12 2.76
N ALA A 13 -12.87 -18.71 3.61
CA ALA A 13 -12.44 -19.55 4.73
C ALA A 13 -13.36 -19.45 5.95
N GLY A 14 -14.18 -18.41 6.00
CA GLY A 14 -15.08 -18.23 7.13
C GLY A 14 -14.39 -17.76 8.39
N VAL A 15 -13.33 -16.99 8.23
CA VAL A 15 -12.57 -16.47 9.36
C VAL A 15 -12.18 -15.02 9.10
N SER A 16 -11.57 -14.36 10.07
CA SER A 16 -11.14 -12.98 9.87
C SER A 16 -9.93 -12.97 8.98
N TYR A 17 -9.53 -11.79 8.53
CA TYR A 17 -8.37 -11.69 7.68
C TYR A 17 -7.09 -11.86 8.49
N GLN A 18 -7.23 -11.78 9.81
CA GLN A 18 -6.09 -11.93 10.71
C GLN A 18 -5.57 -13.35 10.67
N THR A 19 -6.50 -14.30 10.50
CA THR A 19 -6.14 -15.70 10.46
C THR A 19 -5.24 -15.99 9.26
N VAL A 20 -5.49 -15.27 8.17
CA VAL A 20 -4.68 -15.42 6.96
C VAL A 20 -3.37 -14.68 7.15
N SER A 21 -3.46 -13.52 7.80
CA SER A 21 -2.31 -12.69 8.09
C SER A 21 -1.34 -13.41 9.00
N ARG A 22 -1.86 -14.37 9.75
CA ARG A 22 -1.05 -15.12 10.68
C ARG A 22 -0.10 -16.08 9.97
N VAL A 23 -0.66 -16.91 9.08
CA VAL A 23 0.14 -17.91 8.38
C VAL A 23 1.19 -17.30 7.47
N VAL A 24 0.97 -16.09 6.98
CA VAL A 24 1.94 -15.46 6.10
C VAL A 24 3.02 -14.74 6.92
N ASN A 25 2.66 -14.27 8.11
CA ASN A 25 3.59 -13.59 8.99
C ASN A 25 4.56 -14.57 9.63
N GLN A 26 4.04 -15.40 10.52
CA GLN A 26 4.87 -16.38 11.25
C GLN A 26 4.15 -17.70 11.50
N ALA A 27 2.82 -17.75 11.27
CA ALA A 27 2.03 -18.97 11.49
C ALA A 27 2.16 -19.46 12.94
N SER A 28 1.87 -18.58 13.88
CA SER A 28 2.00 -18.91 15.28
C SER A 28 0.69 -19.44 15.89
N HIS A 29 -0.18 -18.53 16.28
CA HIS A 29 -1.44 -18.92 16.90
C HIS A 29 -2.56 -19.06 15.88
N VAL A 30 -2.44 -20.06 15.00
CA VAL A 30 -3.46 -20.31 13.99
C VAL A 30 -4.35 -21.46 14.38
N SER A 31 -4.66 -21.55 15.67
CA SER A 31 -5.51 -22.61 16.22
C SER A 31 -4.82 -23.96 16.21
N ALA A 32 -3.88 -24.14 15.28
CA ALA A 32 -3.11 -25.38 15.11
C ALA A 32 -3.94 -26.43 14.39
N LYS A 33 -5.22 -26.12 14.15
CA LYS A 33 -6.12 -27.02 13.46
C LYS A 33 -6.85 -26.28 12.35
N THR A 34 -6.44 -25.03 12.11
CA THR A 34 -7.04 -24.19 11.06
C THR A 34 -5.93 -23.58 10.20
N ARG A 35 -4.80 -24.28 10.15
CA ARG A 35 -3.66 -23.78 9.39
C ARG A 35 -3.68 -24.34 7.99
N GLU A 36 -4.04 -25.60 7.87
CA GLU A 36 -4.08 -26.27 6.57
C GLU A 36 -5.26 -25.74 5.79
N LYS A 37 -6.24 -25.26 6.55
CA LYS A 37 -7.46 -24.70 5.99
C LYS A 37 -7.17 -23.50 5.11
N VAL A 38 -6.47 -22.54 5.67
CA VAL A 38 -6.12 -21.32 4.93
C VAL A 38 -4.98 -21.55 3.93
N GLU A 39 -4.11 -22.49 4.21
CA GLU A 39 -2.99 -22.79 3.31
C GLU A 39 -3.49 -23.40 2.00
N ALA A 40 -4.44 -24.32 2.11
CA ALA A 40 -5.01 -24.97 0.93
C ALA A 40 -5.77 -23.95 0.08
N ALA A 41 -6.53 -23.07 0.75
CA ALA A 41 -7.31 -22.03 0.08
C ALA A 41 -6.43 -20.87 -0.37
N MET A 42 -5.13 -21.01 -0.17
CA MET A 42 -4.21 -19.98 -0.54
C MET A 42 -3.79 -20.22 -1.99
N ALA A 43 -3.21 -21.39 -2.24
CA ALA A 43 -2.77 -21.75 -3.57
C ALA A 43 -3.93 -22.01 -4.51
N GLU A 44 -5.06 -22.39 -3.93
CA GLU A 44 -6.26 -22.69 -4.70
C GLU A 44 -6.83 -21.49 -5.46
N LEU A 45 -6.99 -20.37 -4.78
CA LEU A 45 -7.57 -19.19 -5.41
C LEU A 45 -6.49 -18.29 -5.99
N ASN A 46 -5.22 -18.61 -5.72
CA ASN A 46 -4.06 -17.82 -6.20
C ASN A 46 -3.91 -16.56 -5.33
N TYR A 47 -3.83 -16.81 -4.05
CA TYR A 47 -3.64 -15.75 -3.06
C TYR A 47 -2.20 -15.22 -3.08
N ILE A 48 -2.08 -13.90 -3.31
CA ILE A 48 -0.79 -13.20 -3.36
C ILE A 48 -0.67 -12.20 -2.20
N PRO A 49 0.09 -12.55 -1.15
CA PRO A 49 0.28 -11.68 0.02
C PRO A 49 1.19 -10.46 -0.26
N ASN A 50 1.11 -9.92 -1.47
CA ASN A 50 1.90 -8.74 -1.88
C ASN A 50 3.39 -8.86 -1.56
N ARG A 51 4.13 -7.75 -1.69
CA ARG A 51 5.53 -7.78 -1.39
C ARG A 51 5.80 -7.33 0.05
N CYS A 52 5.53 -6.06 0.34
CA CYS A 52 5.77 -5.53 1.67
C CYS A 52 4.63 -4.65 2.15
N ALA A 53 3.44 -5.11 1.88
CA ALA A 53 2.21 -4.39 2.26
C ALA A 53 2.09 -4.27 3.78
N GLN A 54 2.82 -5.13 4.49
CA GLN A 54 2.83 -5.12 5.96
C GLN A 54 3.75 -4.05 6.51
N GLN A 55 4.51 -3.40 5.64
CA GLN A 55 5.42 -2.36 6.09
C GLN A 55 4.75 -0.97 6.01
N LEU A 56 3.44 -0.92 6.25
CA LEU A 56 2.72 0.35 6.24
C LEU A 56 1.89 0.50 7.50
N ALA A 57 2.01 -0.48 8.37
CA ALA A 57 1.29 -0.47 9.63
C ALA A 57 2.26 -0.65 10.78
N GLY A 58 3.56 -0.70 10.44
CA GLY A 58 4.57 -0.87 11.46
C GLY A 58 5.31 0.42 11.70
N LYS A 59 5.25 0.90 12.94
CA LYS A 59 5.90 2.13 13.31
C LYS A 59 7.15 1.83 14.11
N GLN A 60 8.25 2.49 13.81
CA GLN A 60 9.52 2.29 14.51
C GLN A 60 9.40 2.66 15.99
N SER A 61 8.33 3.39 16.31
CA SER A 61 8.06 3.81 17.68
C SER A 61 7.29 2.74 18.44
N LEU A 62 7.77 1.50 18.36
CA LEU A 62 7.14 0.39 19.05
C LEU A 62 7.88 0.08 20.35
N MET B 1 15.14 7.25 4.01
CA MET B 1 16.56 7.53 3.98
C MET B 1 16.99 7.85 2.56
N LYS B 2 16.50 7.03 1.64
CA LYS B 2 16.80 7.21 0.23
C LYS B 2 15.64 7.93 -0.48
N PRO B 3 14.38 7.42 -0.38
CA PRO B 3 13.23 8.06 -1.01
C PRO B 3 12.63 9.16 -0.12
N VAL B 4 11.67 9.86 -0.66
CA VAL B 4 11.04 10.93 0.06
C VAL B 4 9.52 10.85 -0.18
N THR B 5 8.77 11.03 0.88
CA THR B 5 7.31 11.02 0.78
C THR B 5 6.74 12.20 0.02
N LEU B 6 5.48 12.07 -0.38
CA LEU B 6 4.81 13.15 -1.07
C LEU B 6 4.49 14.29 -0.09
N TYR B 7 4.53 13.98 1.20
CA TYR B 7 4.23 14.98 2.23
C TYR B 7 5.37 15.98 2.30
N ASP B 8 6.58 15.47 2.22
CA ASP B 8 7.77 16.31 2.27
C ASP B 8 7.78 17.26 1.11
N VAL B 9 7.79 16.72 -0.09
CA VAL B 9 7.81 17.53 -1.34
C VAL B 9 6.64 18.50 -1.38
N ALA B 10 5.54 18.18 -0.69
CA ALA B 10 4.38 19.07 -0.68
C ALA B 10 4.66 20.29 0.23
N GLU B 11 5.27 20.02 1.37
CA GLU B 11 5.59 21.05 2.37
C GLU B 11 6.61 22.05 1.83
N TYR B 12 7.70 21.54 1.29
CA TYR B 12 8.73 22.38 0.72
C TYR B 12 8.20 23.19 -0.47
N ALA B 13 7.18 22.70 -1.16
CA ALA B 13 6.63 23.41 -2.32
C ALA B 13 5.70 24.56 -1.94
N GLY B 14 5.28 24.59 -0.70
CA GLY B 14 4.36 25.62 -0.25
C GLY B 14 2.97 25.40 -0.83
N VAL B 15 2.60 24.13 -1.03
CA VAL B 15 1.31 23.77 -1.60
C VAL B 15 0.65 22.69 -0.75
N SER B 16 -0.43 22.12 -1.26
CA SER B 16 -1.20 21.10 -0.55
C SER B 16 -1.02 19.71 -1.17
N TYR B 17 -1.52 18.69 -0.45
CA TYR B 17 -1.47 17.30 -0.91
C TYR B 17 -2.57 17.07 -1.94
N GLN B 18 -2.43 17.76 -3.06
CA GLN B 18 -3.35 17.71 -4.16
C GLN B 18 -2.73 18.37 -5.39
N THR B 19 -2.01 19.44 -5.15
CA THR B 19 -1.35 20.20 -6.19
C THR B 19 -0.14 19.45 -6.70
N VAL B 20 0.45 18.70 -5.79
CA VAL B 20 1.64 17.86 -6.07
C VAL B 20 1.34 16.82 -7.11
N SER B 21 0.42 15.91 -6.85
CA SER B 21 0.11 14.86 -7.82
C SER B 21 -0.40 15.45 -9.15
N ARG B 22 -1.40 16.32 -9.05
CA ARG B 22 -2.01 16.93 -10.24
C ARG B 22 -1.00 17.50 -11.22
N VAL B 23 -0.04 18.24 -10.67
CA VAL B 23 1.00 18.90 -11.47
C VAL B 23 1.96 17.93 -12.18
N VAL B 24 1.89 16.65 -11.83
CA VAL B 24 2.78 15.64 -12.44
C VAL B 24 2.36 15.37 -13.90
N ASN B 25 1.14 14.88 -14.09
CA ASN B 25 0.59 14.60 -15.42
C ASN B 25 -0.87 14.22 -15.28
N GLN B 26 -1.50 14.76 -14.25
CA GLN B 26 -2.90 14.48 -13.95
C GLN B 26 -3.73 15.76 -13.95
N ALA B 27 -3.21 16.83 -14.53
CA ALA B 27 -3.94 18.09 -14.59
C ALA B 27 -3.45 18.96 -15.73
N SER B 28 -4.16 20.05 -15.99
CA SER B 28 -3.82 20.94 -17.07
C SER B 28 -3.90 22.42 -16.64
N HIS B 29 -5.07 22.83 -16.17
CA HIS B 29 -5.28 24.23 -15.77
C HIS B 29 -4.80 24.48 -14.33
N VAL B 30 -3.49 24.45 -14.13
CA VAL B 30 -2.91 24.69 -12.83
C VAL B 30 -2.11 25.99 -12.90
N SER B 31 -2.24 26.83 -11.88
CA SER B 31 -1.52 28.10 -11.84
C SER B 31 -0.04 27.92 -12.15
N ALA B 32 0.46 28.55 -13.22
CA ALA B 32 1.84 28.45 -13.63
C ALA B 32 2.78 28.97 -12.55
N LYS B 33 2.25 29.83 -11.67
CA LYS B 33 3.04 30.39 -10.58
C LYS B 33 3.41 29.33 -9.55
N THR B 34 2.45 28.49 -9.22
CA THR B 34 2.68 27.44 -8.25
C THR B 34 3.27 26.20 -8.93
N ARG B 35 3.08 26.11 -10.25
CA ARG B 35 3.57 25.00 -11.04
C ARG B 35 5.07 24.82 -10.84
N GLU B 36 5.82 25.90 -11.00
CA GLU B 36 7.26 25.89 -10.84
C GLU B 36 7.65 25.66 -9.39
N LYS B 37 6.76 25.98 -8.45
CA LYS B 37 7.04 25.80 -7.03
C LYS B 37 7.08 24.31 -6.67
N VAL B 38 6.08 23.59 -7.14
CA VAL B 38 5.99 22.16 -6.87
C VAL B 38 7.16 21.40 -7.50
N GLU B 39 7.49 21.73 -8.76
CA GLU B 39 8.60 21.07 -9.46
C GLU B 39 9.90 21.29 -8.70
N ALA B 40 10.12 22.54 -8.29
CA ALA B 40 11.29 22.93 -7.51
C ALA B 40 11.46 22.05 -6.28
N ALA B 41 10.35 21.71 -5.62
CA ALA B 41 10.40 20.86 -4.44
C ALA B 41 10.61 19.39 -4.79
N MET B 42 9.85 18.92 -5.76
CA MET B 42 9.92 17.53 -6.21
C MET B 42 11.34 17.16 -6.65
N ALA B 43 12.02 18.09 -7.32
CA ALA B 43 13.38 17.86 -7.78
C ALA B 43 14.38 18.09 -6.66
N GLU B 44 14.06 19.00 -5.75
CA GLU B 44 14.94 19.35 -4.63
C GLU B 44 15.30 18.13 -3.80
N LEU B 45 14.29 17.41 -3.32
CA LEU B 45 14.52 16.19 -2.52
C LEU B 45 14.51 14.95 -3.42
N ASN B 46 14.15 15.17 -4.70
CA ASN B 46 14.08 14.10 -5.70
C ASN B 46 13.04 13.05 -5.30
N TYR B 47 11.79 13.35 -5.58
CA TYR B 47 10.69 12.46 -5.27
C TYR B 47 10.76 11.18 -6.09
N ILE B 48 10.93 10.05 -5.41
CA ILE B 48 10.97 8.77 -6.07
C ILE B 48 9.83 7.90 -5.51
N PRO B 49 8.98 7.35 -6.37
CA PRO B 49 7.83 6.50 -5.97
C PRO B 49 8.17 5.56 -4.83
N ASN B 50 7.60 5.84 -3.67
CA ASN B 50 7.83 5.01 -2.49
C ASN B 50 7.29 3.61 -2.66
N ARG B 51 8.05 2.63 -2.18
CA ARG B 51 7.67 1.22 -2.27
C ARG B 51 6.82 0.84 -1.06
N CYS B 52 6.23 -0.37 -1.11
CA CYS B 52 5.37 -0.85 -0.04
C CYS B 52 4.16 0.07 0.11
N ALA B 53 3.69 0.54 -1.02
CA ALA B 53 2.56 1.46 -1.10
C ALA B 53 2.04 1.58 -2.56
N GLN B 54 2.91 1.27 -3.50
CA GLN B 54 2.57 1.32 -4.93
C GLN B 54 1.67 0.13 -5.23
N GLN B 55 1.93 -0.95 -4.49
CA GLN B 55 1.17 -2.19 -4.63
C GLN B 55 -0.20 -2.04 -4.02
N LEU B 56 -0.25 -1.31 -2.91
CA LEU B 56 -1.48 -1.03 -2.21
C LEU B 56 -2.44 -0.23 -3.08
N ALA B 57 -1.99 0.96 -3.49
CA ALA B 57 -2.82 1.81 -4.29
C ALA B 57 -2.76 1.44 -5.77
N GLY B 58 -3.51 0.40 -6.15
CA GLY B 58 -3.55 -0.03 -7.54
C GLY B 58 -4.17 -1.40 -7.73
N LYS B 59 -4.19 -2.21 -6.68
CA LYS B 59 -4.73 -3.58 -6.78
C LYS B 59 -6.27 -3.61 -6.74
N GLN B 60 -6.90 -2.82 -7.58
CA GLN B 60 -8.36 -2.80 -7.65
C GLN B 60 -8.84 -3.65 -8.80
N SER B 61 -7.97 -3.84 -9.78
CA SER B 61 -8.29 -4.65 -10.94
C SER B 61 -7.12 -5.58 -11.26
N LEU B 62 -6.28 -5.81 -10.26
CA LEU B 62 -5.12 -6.66 -10.40
C LEU B 62 -4.78 -7.26 -9.05
#